data_5X49
#
_entry.id   5X49
#
_cell.length_a   62.897
_cell.length_b   135.103
_cell.length_c   67.205
_cell.angle_alpha   90.00
_cell.angle_beta   99.87
_cell.angle_gamma   90.00
#
_symmetry.space_group_name_H-M   'P 1 21 1'
#
loop_
_entity.id
_entity.type
_entity.pdbx_description
1 polymer 'Probable Xaa-Pro aminopeptidase 3'
2 non-polymer 'MANGANESE (II) ION'
3 non-polymer 'DODECAETHYLENE GLYCOL'
4 non-polymer '(2S,3R)-3-amino-2-hydroxy-4-phenylbutanoic acid'
5 non-polymer 'DIMETHYL SULFOXIDE'
6 non-polymer 1,2-ETHANEDIOL
7 water water
#
_entity_poly.entity_id   1
_entity_poly.type   'polypeptide(L)'
_entity_poly.pdbx_seq_one_letter_code
;GSHPHLLRPGEVTPGLSQVEYALRRHKLMSLIQKEAQGQSGTDQTVVVLSNPTYYMSNDIPYTFHQDNNFLYLCGFQEPD
SILVLQSLPGKQLPSHKAILFVPRRDPSRELWDGPRSGTDGAIALTGVDEAYTLEEFQHLLPKMKAETNMVWYDWMRPSH
AQLHSDYMQPLTEAKAKSKNKVRGVQQLIQRLRLIKSPAEIERMQIAGKLTSQAFIETMFTSKAPVEEAFLYAKFEFECR
ARGADILAYPPVVAGGNRSNTLHYVKNNQLIKDGEMVLLDGGCESSCYVSDITRTWPVNGRFTAPQAELYEAVLEIQRDC
LALCFPGTSLENIYSMMLTLIGQKLKDLGIMKNIKENNAFKAARKYCPHHVGHYLGMDVHDTPDMPRSLPLQPGMVITIE
PGIYIPEDDKDAPEKFRGLGVRIEDDVVVTQDSPLILSADCPKEMNDIEQICSQAS
;
_entity_poly.pdbx_strand_id   A,B
#
# COMPACT_ATOMS: atom_id res chain seq x y z
N LEU A 6 -14.35 3.01 -21.59
CA LEU A 6 -14.80 1.80 -20.91
C LEU A 6 -16.25 1.90 -20.43
N LEU A 7 -16.89 3.05 -20.66
CA LEU A 7 -18.26 3.28 -20.21
C LEU A 7 -19.23 3.30 -21.38
N ARG A 8 -20.26 2.48 -21.29
CA ARG A 8 -21.36 2.61 -22.22
C ARG A 8 -22.07 3.92 -21.93
N PRO A 9 -22.85 4.44 -22.89
CA PRO A 9 -23.64 5.63 -22.60
C PRO A 9 -24.52 5.37 -21.39
N GLY A 10 -24.61 6.37 -20.52
CA GLY A 10 -25.39 6.26 -19.32
C GLY A 10 -24.71 5.60 -18.15
N GLU A 11 -23.49 5.07 -18.30
CA GLU A 11 -22.81 4.39 -17.19
C GLU A 11 -21.95 5.38 -16.42
N VAL A 12 -21.92 5.20 -15.09
CA VAL A 12 -21.09 6.01 -14.22
C VAL A 12 -19.76 5.33 -13.97
N THR A 13 -19.79 4.04 -13.67
CA THR A 13 -18.62 3.18 -13.61
C THR A 13 -18.96 1.99 -14.50
N PRO A 14 -17.98 1.22 -14.95
CA PRO A 14 -18.27 0.19 -15.97
C PRO A 14 -19.35 -0.77 -15.52
N GLY A 15 -20.36 -0.94 -16.36
CA GLY A 15 -21.45 -1.85 -16.08
C GLY A 15 -22.55 -1.28 -15.20
N LEU A 16 -22.35 -0.11 -14.60
CA LEU A 16 -23.30 0.41 -13.61
C LEU A 16 -23.88 1.74 -14.08
N SER A 17 -25.17 1.71 -14.41
CA SER A 17 -25.84 2.87 -15.01
C SER A 17 -26.19 3.93 -13.98
N GLN A 18 -26.45 5.15 -14.50
CA GLN A 18 -26.96 6.20 -13.62
C GLN A 18 -28.21 5.74 -12.87
N VAL A 19 -29.13 5.05 -13.55
CA VAL A 19 -30.36 4.70 -12.85
C VAL A 19 -30.10 3.63 -11.78
N GLU A 20 -29.16 2.71 -12.00
CA GLU A 20 -28.84 1.76 -10.94
C GLU A 20 -28.35 2.48 -9.68
N TYR A 21 -27.46 3.48 -9.83
CA TYR A 21 -27.02 4.25 -8.67
C TYR A 21 -28.19 4.98 -8.02
N ALA A 22 -29.09 5.57 -8.83
CA ALA A 22 -30.25 6.25 -8.25
C ALA A 22 -31.13 5.27 -7.47
N LEU A 23 -31.25 4.03 -7.95
CA LEU A 23 -32.07 3.04 -7.25
C LEU A 23 -31.41 2.63 -5.93
N ARG A 24 -30.08 2.61 -5.86
CA ARG A 24 -29.46 2.33 -4.56
C ARG A 24 -29.78 3.45 -3.58
N ARG A 25 -29.71 4.70 -4.03
CA ARG A 25 -30.06 5.81 -3.13
C ARG A 25 -31.51 5.74 -2.68
N HIS A 26 -32.42 5.43 -3.62
CA HIS A 26 -33.84 5.23 -3.27
C HIS A 26 -33.99 4.18 -2.19
N LYS A 27 -33.32 3.04 -2.36
CA LYS A 27 -33.46 1.96 -1.37
C LYS A 27 -32.90 2.39 -0.02
N LEU A 28 -31.77 3.14 -0.02
CA LEU A 28 -31.25 3.60 1.27
C LEU A 28 -32.26 4.52 1.95
N MET A 29 -32.90 5.43 1.20
CA MET A 29 -33.86 6.31 1.84
C MET A 29 -35.10 5.54 2.31
N SER A 30 -35.45 4.45 1.61
N SER A 30 -35.43 4.44 1.62
CA SER A 30 -36.50 3.57 2.10
CA SER A 30 -36.52 3.58 2.11
C SER A 30 -36.13 2.96 3.45
C SER A 30 -36.15 2.92 3.44
N LEU A 31 -34.89 2.50 3.59
CA LEU A 31 -34.44 1.93 4.87
C LEU A 31 -34.51 2.98 5.98
N ILE A 32 -34.11 4.22 5.66
CA ILE A 32 -34.15 5.27 6.66
C ILE A 32 -35.59 5.58 7.04
N GLN A 33 -36.50 5.52 6.07
CA GLN A 33 -37.89 5.77 6.39
C GLN A 33 -38.41 4.76 7.40
N LYS A 34 -37.94 3.51 7.33
CA LYS A 34 -38.38 2.50 8.29
C LYS A 34 -37.80 2.71 9.68
N GLU A 35 -36.67 3.40 9.81
CA GLU A 35 -36.08 3.61 11.13
C GLU A 35 -36.91 4.60 11.95
N THR A 42 -39.39 15.38 11.33
CA THR A 42 -39.54 16.36 10.25
C THR A 42 -38.72 15.98 9.01
N ASP A 43 -37.51 16.51 8.95
CA ASP A 43 -36.64 16.38 7.78
C ASP A 43 -35.56 15.34 8.03
N GLN A 44 -35.05 14.74 6.94
CA GLN A 44 -33.97 13.77 7.08
C GLN A 44 -32.82 14.14 6.15
N THR A 45 -31.59 13.93 6.62
CA THR A 45 -30.39 14.21 5.84
C THR A 45 -29.41 13.05 6.02
N VAL A 46 -28.90 12.50 4.92
CA VAL A 46 -27.81 11.52 4.93
C VAL A 46 -26.56 12.19 4.40
N VAL A 47 -25.43 12.02 5.11
CA VAL A 47 -24.14 12.56 4.70
C VAL A 47 -23.14 11.41 4.60
N VAL A 48 -22.45 11.31 3.47
CA VAL A 48 -21.40 10.29 3.28
C VAL A 48 -20.18 11.01 2.72
N LEU A 49 -19.05 10.92 3.44
CA LEU A 49 -17.83 11.54 2.95
C LEU A 49 -17.10 10.63 1.97
N SER A 50 -16.37 11.24 1.03
CA SER A 50 -15.50 10.46 0.15
C SER A 50 -14.20 10.16 0.91
N ASN A 51 -13.28 9.45 0.26
CA ASN A 51 -11.91 9.30 0.77
C ASN A 51 -11.07 10.51 0.42
N PRO A 52 -9.99 10.72 1.16
CA PRO A 52 -8.94 11.68 0.79
C PRO A 52 -7.93 11.05 -0.13
N THR A 53 -6.97 11.86 -0.57
CA THR A 53 -5.74 11.32 -1.12
C THR A 53 -4.83 11.01 0.04
N TYR A 54 -4.35 9.78 0.10
CA TYR A 54 -3.44 9.40 1.16
C TYR A 54 -2.02 9.53 0.63
N TYR A 55 -1.08 9.76 1.56
CA TYR A 55 0.30 10.05 1.18
C TYR A 55 1.25 9.04 1.82
N MET A 56 2.21 8.55 1.01
CA MET A 56 3.27 7.71 1.57
C MET A 56 4.21 8.53 2.43
N SER A 57 4.56 9.72 1.95
CA SER A 57 5.26 10.70 2.75
C SER A 57 4.84 12.05 2.25
N ASN A 58 5.33 13.10 2.91
CA ASN A 58 4.70 14.42 2.79
C ASN A 58 4.46 14.84 1.34
N ASP A 59 5.39 14.51 0.44
CA ASP A 59 5.26 14.98 -0.93
C ASP A 59 5.02 13.86 -1.94
N ILE A 60 4.57 12.67 -1.49
CA ILE A 60 4.47 11.51 -2.38
C ILE A 60 3.10 10.85 -2.16
N PRO A 61 2.18 11.01 -3.10
CA PRO A 61 0.84 10.45 -2.93
C PRO A 61 0.75 9.00 -3.34
N TYR A 62 -0.18 8.28 -2.68
CA TYR A 62 -0.65 7.02 -3.22
C TYR A 62 -1.71 7.22 -4.29
N THR A 63 -1.93 6.18 -5.09
CA THR A 63 -3.03 6.18 -6.04
CA THR A 63 -3.04 6.15 -6.04
C THR A 63 -4.36 6.30 -5.30
N PHE A 64 -5.30 7.05 -5.87
CA PHE A 64 -6.56 7.27 -5.16
C PHE A 64 -7.43 6.01 -5.20
N HIS A 65 -8.12 5.75 -4.10
CA HIS A 65 -9.18 4.73 -4.06
C HIS A 65 -10.35 5.34 -3.31
N GLN A 66 -11.55 5.25 -3.89
CA GLN A 66 -12.69 5.89 -3.27
C GLN A 66 -13.14 5.13 -2.01
N ASP A 67 -13.80 5.85 -1.09
CA ASP A 67 -14.49 5.17 0.00
C ASP A 67 -15.63 4.34 -0.59
N ASN A 68 -15.71 3.05 -0.19
CA ASN A 68 -16.65 2.17 -0.92
C ASN A 68 -18.12 2.50 -0.65
N ASN A 69 -18.46 3.02 0.53
CA ASN A 69 -19.87 3.39 0.74
C ASN A 69 -20.26 4.61 -0.08
N PHE A 70 -19.37 5.62 -0.11
CA PHE A 70 -19.57 6.76 -1.01
C PHE A 70 -19.68 6.31 -2.46
N LEU A 71 -18.76 5.44 -2.89
CA LEU A 71 -18.73 4.97 -4.28
C LEU A 71 -20.00 4.19 -4.61
N TYR A 72 -20.41 3.29 -3.71
CA TYR A 72 -21.64 2.51 -3.94
C TYR A 72 -22.82 3.42 -4.20
N LEU A 73 -22.93 4.52 -3.46
CA LEU A 73 -24.12 5.34 -3.58
C LEU A 73 -24.08 6.32 -4.76
N CYS A 74 -22.91 6.65 -5.32
CA CYS A 74 -22.98 7.61 -6.42
C CYS A 74 -21.96 7.39 -7.54
N GLY A 75 -20.95 6.55 -7.35
CA GLY A 75 -20.08 6.21 -8.49
C GLY A 75 -19.02 7.24 -8.79
N PHE A 76 -18.88 8.27 -7.98
CA PHE A 76 -17.96 9.38 -8.23
C PHE A 76 -16.59 9.03 -7.65
N GLN A 77 -15.55 9.15 -8.49
CA GLN A 77 -14.21 8.59 -8.21
C GLN A 77 -13.15 9.67 -7.95
N GLU A 78 -13.51 10.75 -7.27
CA GLU A 78 -12.55 11.81 -7.01
C GLU A 78 -12.54 12.13 -5.52
N PRO A 79 -11.42 12.60 -4.98
CA PRO A 79 -11.32 12.80 -3.55
C PRO A 79 -12.03 14.06 -3.06
N ASP A 80 -12.09 14.16 -1.73
CA ASP A 80 -12.42 15.39 -1.01
C ASP A 80 -13.81 15.89 -1.34
N SER A 81 -14.78 14.97 -1.41
CA SER A 81 -16.13 15.29 -1.81
C SER A 81 -17.11 14.77 -0.76
N ILE A 82 -18.34 15.30 -0.82
CA ILE A 82 -19.38 14.93 0.14
C ILE A 82 -20.66 14.64 -0.63
N LEU A 83 -21.28 13.49 -0.34
CA LEU A 83 -22.61 13.16 -0.86
C LEU A 83 -23.66 13.43 0.21
N VAL A 84 -24.72 14.13 -0.18
CA VAL A 84 -25.84 14.46 0.73
C VAL A 84 -27.12 13.94 0.10
N LEU A 85 -27.90 13.19 0.88
CA LEU A 85 -29.27 12.85 0.49
C LEU A 85 -30.21 13.58 1.42
N GLN A 86 -31.17 14.31 0.85
CA GLN A 86 -32.00 15.21 1.64
C GLN A 86 -33.46 14.96 1.34
N SER A 87 -34.28 14.84 2.39
CA SER A 87 -35.72 14.74 2.17
C SER A 87 -36.26 16.01 1.53
N LEU A 88 -37.43 15.90 0.89
CA LEU A 88 -38.05 17.03 0.22
C LEU A 88 -39.16 17.61 1.09
N PRO A 89 -39.25 18.92 1.25
CA PRO A 89 -40.31 19.50 2.08
C PRO A 89 -41.69 19.12 1.55
N GLY A 90 -42.55 18.67 2.47
CA GLY A 90 -43.90 18.33 2.07
C GLY A 90 -44.07 17.03 1.31
N LYS A 91 -43.03 16.21 1.22
CA LYS A 91 -43.11 14.92 0.55
C LYS A 91 -42.52 13.85 1.47
N GLN A 92 -43.17 12.69 1.50
CA GLN A 92 -42.67 11.58 2.29
C GLN A 92 -41.43 10.98 1.65
N LEU A 93 -40.60 10.37 2.49
CA LEU A 93 -39.59 9.43 2.01
C LEU A 93 -40.35 8.33 1.28
N PRO A 94 -39.69 7.65 0.33
CA PRO A 94 -38.27 7.75 0.02
C PRO A 94 -37.91 8.82 -1.01
N SER A 95 -38.85 9.67 -1.44
CA SER A 95 -38.48 10.79 -2.29
C SER A 95 -37.39 11.63 -1.62
N HIS A 96 -36.43 12.08 -2.41
CA HIS A 96 -35.30 12.82 -1.84
C HIS A 96 -34.53 13.46 -2.99
N LYS A 97 -33.60 14.36 -2.63
CA LYS A 97 -32.67 14.89 -3.62
C LYS A 97 -31.27 14.47 -3.24
N ALA A 98 -30.43 14.20 -4.25
CA ALA A 98 -29.04 13.82 -4.04
C ALA A 98 -28.16 14.97 -4.50
N ILE A 99 -27.22 15.38 -3.64
CA ILE A 99 -26.37 16.54 -3.90
C ILE A 99 -24.93 16.13 -3.71
N LEU A 100 -24.05 16.52 -4.64
CA LEU A 100 -22.61 16.33 -4.50
CA LEU A 100 -22.62 16.33 -4.46
C LEU A 100 -21.97 17.67 -4.17
N PHE A 101 -21.06 17.68 -3.21
CA PHE A 101 -20.20 18.84 -2.92
C PHE A 101 -18.77 18.45 -3.27
N VAL A 102 -18.14 19.22 -4.16
CA VAL A 102 -16.83 18.87 -4.69
C VAL A 102 -15.91 20.07 -4.54
N PRO A 103 -14.60 19.84 -4.53
CA PRO A 103 -13.67 20.99 -4.49
C PRO A 103 -13.86 21.91 -5.68
N ARG A 104 -13.75 23.22 -5.45
CA ARG A 104 -13.67 24.11 -6.60
C ARG A 104 -12.40 23.77 -7.40
N ARG A 105 -12.47 23.95 -8.71
CA ARG A 105 -11.30 23.72 -9.53
C ARG A 105 -10.20 24.74 -9.23
N ASP A 106 -8.96 24.28 -9.29
CA ASP A 106 -7.81 25.06 -8.82
C ASP A 106 -6.64 24.73 -9.72
N PRO A 107 -6.30 25.59 -10.69
CA PRO A 107 -5.20 25.27 -11.61
C PRO A 107 -3.87 25.01 -10.91
N SER A 108 -3.60 25.70 -9.81
CA SER A 108 -2.31 25.51 -9.16
C SER A 108 -2.20 24.14 -8.50
N ARG A 109 -3.32 23.51 -8.17
CA ARG A 109 -3.28 22.15 -7.67
C ARG A 109 -3.45 21.12 -8.78
N GLU A 110 -4.15 21.48 -9.86
CA GLU A 110 -4.31 20.53 -10.95
C GLU A 110 -3.00 20.26 -11.67
N LEU A 111 -2.04 21.19 -11.60
CA LEU A 111 -0.70 20.96 -12.13
C LEU A 111 -0.10 19.69 -11.52
N TRP A 112 -0.38 19.44 -10.26
CA TRP A 112 0.17 18.29 -9.53
C TRP A 112 -0.72 17.07 -9.61
N ASP A 113 -2.01 17.23 -9.35
CA ASP A 113 -2.90 16.09 -9.18
C ASP A 113 -3.75 15.77 -10.41
N GLY A 114 -3.76 16.64 -11.41
CA GLY A 114 -4.55 16.35 -12.59
C GLY A 114 -5.90 17.03 -12.52
N PRO A 115 -6.62 17.01 -13.63
CA PRO A 115 -7.88 17.74 -13.69
C PRO A 115 -8.92 17.11 -12.78
N ARG A 116 -9.79 17.95 -12.25
CA ARG A 116 -10.89 17.48 -11.43
C ARG A 116 -12.20 17.96 -12.04
N SER A 117 -13.30 17.34 -11.62
CA SER A 117 -14.58 17.65 -12.25
C SER A 117 -15.12 19.01 -11.82
N GLY A 118 -15.80 19.68 -12.74
CA GLY A 118 -16.59 20.82 -12.32
C GLY A 118 -17.80 20.32 -11.57
N THR A 119 -18.57 21.25 -11.01
CA THR A 119 -19.89 20.88 -10.51
C THR A 119 -20.78 20.37 -11.66
N ASP A 120 -20.78 21.07 -12.79
CA ASP A 120 -21.56 20.57 -13.91
C ASP A 120 -21.03 19.24 -14.41
N GLY A 121 -19.71 19.05 -14.37
CA GLY A 121 -19.14 17.76 -14.77
C GLY A 121 -19.57 16.63 -13.85
N ALA A 122 -19.54 16.88 -12.54
CA ALA A 122 -19.95 15.87 -11.58
C ALA A 122 -21.40 15.49 -11.78
N ILE A 123 -22.27 16.48 -12.02
CA ILE A 123 -23.68 16.17 -12.29
C ILE A 123 -23.81 15.36 -13.57
N ALA A 124 -23.10 15.76 -14.64
CA ALA A 124 -23.24 15.07 -15.91
C ALA A 124 -22.82 13.62 -15.79
N LEU A 125 -21.71 13.36 -15.10
CA LEU A 125 -21.23 11.98 -14.96
C LEU A 125 -22.17 11.15 -14.11
N THR A 126 -22.58 11.68 -12.96
CA THR A 126 -23.22 10.81 -11.96
C THR A 126 -24.72 10.78 -12.07
N GLY A 127 -25.34 11.88 -12.50
CA GLY A 127 -26.79 11.92 -12.50
C GLY A 127 -27.43 12.30 -11.18
N VAL A 128 -26.64 12.77 -10.20
CA VAL A 128 -27.24 13.36 -9.00
C VAL A 128 -28.04 14.61 -9.40
N ASP A 129 -28.83 15.13 -8.46
CA ASP A 129 -29.74 16.22 -8.77
C ASP A 129 -29.05 17.58 -8.83
N GLU A 130 -28.08 17.81 -7.95
CA GLU A 130 -27.45 19.10 -7.78
C GLU A 130 -26.00 18.89 -7.41
N ALA A 131 -25.17 19.88 -7.68
CA ALA A 131 -23.81 19.85 -7.17
C ALA A 131 -23.30 21.26 -6.93
N TYR A 132 -22.45 21.40 -5.91
CA TYR A 132 -21.93 22.68 -5.46
C TYR A 132 -20.48 22.48 -5.06
N THR A 133 -19.75 23.58 -4.85
CA THR A 133 -18.41 23.43 -4.30
C THR A 133 -18.47 23.26 -2.78
N LEU A 134 -17.35 22.79 -2.21
CA LEU A 134 -17.29 22.55 -0.76
C LEU A 134 -17.65 23.79 0.06
N GLU A 135 -17.25 24.98 -0.42
CA GLU A 135 -17.52 26.18 0.36
C GLU A 135 -19.01 26.45 0.53
N GLU A 136 -19.87 25.80 -0.26
CA GLU A 136 -21.30 26.00 -0.12
C GLU A 136 -21.96 24.99 0.81
N PHE A 137 -21.20 23.98 1.26
CA PHE A 137 -21.75 23.01 2.21
C PHE A 137 -22.23 23.71 3.48
N GLN A 138 -21.56 24.79 3.87
CA GLN A 138 -21.91 25.53 5.08
C GLN A 138 -23.37 25.98 5.10
N HIS A 139 -23.98 26.23 3.94
CA HIS A 139 -25.37 26.68 3.90
C HIS A 139 -26.37 25.62 4.31
N LEU A 140 -25.99 24.33 4.30
CA LEU A 140 -26.87 23.28 4.77
C LEU A 140 -26.89 23.14 6.28
N LEU A 141 -25.84 23.63 6.97
CA LEU A 141 -25.60 23.27 8.35
C LEU A 141 -26.64 23.84 9.33
N PRO A 142 -27.12 25.08 9.16
CA PRO A 142 -28.18 25.57 10.08
C PRO A 142 -29.40 24.67 10.15
N LYS A 143 -29.92 24.23 8.99
CA LYS A 143 -31.08 23.36 9.00
C LYS A 143 -30.74 21.98 9.54
N MET A 144 -29.54 21.47 9.22
CA MET A 144 -29.14 20.15 9.73
C MET A 144 -28.99 20.15 11.25
N LYS A 145 -28.55 21.29 11.81
CA LYS A 145 -28.36 21.38 13.27
C LYS A 145 -29.68 21.42 14.02
N ALA A 146 -30.77 21.81 13.35
CA ALA A 146 -32.06 21.91 14.03
C ALA A 146 -32.48 20.56 14.60
N GLU A 147 -33.11 20.62 15.77
CA GLU A 147 -33.59 19.41 16.42
C GLU A 147 -34.64 18.67 15.62
N THR A 148 -35.29 19.34 14.66
CA THR A 148 -36.27 18.70 13.80
C THR A 148 -35.63 17.94 12.64
N ASN A 149 -34.32 18.04 12.46
CA ASN A 149 -33.64 17.44 11.33
C ASN A 149 -32.90 16.20 11.83
N MET A 150 -33.25 15.03 11.32
CA MET A 150 -32.53 13.80 11.64
C MET A 150 -31.36 13.65 10.68
N VAL A 151 -30.16 13.51 11.22
CA VAL A 151 -28.95 13.40 10.40
C VAL A 151 -28.38 11.99 10.53
N TRP A 152 -28.12 11.38 9.39
CA TRP A 152 -27.52 10.05 9.31
C TRP A 152 -26.10 10.21 8.77
N TYR A 153 -25.10 9.82 9.56
CA TYR A 153 -23.72 10.12 9.22
C TYR A 153 -22.82 9.25 10.09
N ASP A 154 -21.75 8.73 9.49
CA ASP A 154 -20.79 7.87 10.19
C ASP A 154 -19.65 8.70 10.76
N TRP A 155 -19.75 9.09 12.02
CA TRP A 155 -18.76 9.97 12.60
C TRP A 155 -17.66 9.25 13.38
N MET A 156 -17.90 7.98 13.76
CA MET A 156 -17.00 7.33 14.72
C MET A 156 -15.60 7.12 14.18
N ARG A 157 -15.46 6.67 12.93
CA ARG A 157 -14.14 6.50 12.31
C ARG A 157 -14.27 7.12 10.93
N PRO A 158 -14.16 8.44 10.84
CA PRO A 158 -14.51 9.13 9.58
C PRO A 158 -13.64 8.67 8.42
N SER A 159 -14.26 8.61 7.22
CA SER A 159 -13.49 8.15 6.06
CA SER A 159 -13.47 8.15 6.07
C SER A 159 -12.43 9.19 5.69
N HIS A 160 -12.66 10.44 6.03
CA HIS A 160 -11.81 11.54 5.59
C HIS A 160 -11.65 12.42 6.83
N ALA A 161 -10.49 12.32 7.49
CA ALA A 161 -10.35 13.00 8.77
C ALA A 161 -10.48 14.51 8.64
N GLN A 162 -9.93 15.09 7.57
CA GLN A 162 -9.97 16.54 7.42
C GLN A 162 -11.35 17.06 7.02
N LEU A 163 -12.02 16.40 6.05
CA LEU A 163 -13.39 16.81 5.75
C LEU A 163 -14.27 16.69 6.98
N HIS A 164 -14.08 15.62 7.76
CA HIS A 164 -14.86 15.50 8.99
C HIS A 164 -14.56 16.66 9.91
N SER A 165 -13.29 16.92 10.18
CA SER A 165 -12.96 17.99 11.12
C SER A 165 -13.53 19.32 10.68
N ASP A 166 -13.42 19.63 9.39
CA ASP A 166 -13.82 20.95 8.91
C ASP A 166 -15.32 21.08 8.66
N TYR A 167 -16.00 20.03 8.22
CA TYR A 167 -17.36 20.18 7.72
C TYR A 167 -18.43 19.48 8.57
N MET A 168 -18.09 18.43 9.32
CA MET A 168 -19.12 17.66 10.02
C MET A 168 -18.88 17.49 11.52
N GLN A 169 -17.66 17.67 12.02
CA GLN A 169 -17.46 17.50 13.46
C GLN A 169 -18.21 18.56 14.27
N PRO A 170 -18.22 19.85 13.90
CA PRO A 170 -19.01 20.81 14.68
C PRO A 170 -20.51 20.47 14.68
N LEU A 171 -21.05 20.06 13.54
CA LEU A 171 -22.45 19.64 13.48
C LEU A 171 -22.69 18.43 14.37
N THR A 172 -21.81 17.43 14.29
CA THR A 172 -22.01 16.20 15.06
C THR A 172 -21.98 16.49 16.56
N GLU A 173 -21.03 17.31 17.01
CA GLU A 173 -20.99 17.64 18.44
C GLU A 173 -22.19 18.46 18.87
N ALA A 174 -22.67 19.38 18.02
CA ALA A 174 -23.85 20.14 18.40
C ALA A 174 -25.06 19.24 18.57
N LYS A 175 -25.24 18.29 17.65
CA LYS A 175 -26.39 17.40 17.78
C LYS A 175 -26.18 16.40 18.90
N ALA A 176 -24.93 16.08 19.25
CA ALA A 176 -24.67 15.15 20.34
C ALA A 176 -25.11 15.74 21.66
N LYS A 177 -25.18 17.06 21.74
CA LYS A 177 -25.62 17.76 22.93
C LYS A 177 -27.10 18.13 22.87
N SER A 178 -27.86 17.50 21.98
CA SER A 178 -29.27 17.80 21.76
C SER A 178 -30.09 16.53 22.03
N LYS A 179 -31.40 16.64 21.82
CA LYS A 179 -32.30 15.51 21.95
C LYS A 179 -32.39 14.69 20.66
N ASN A 180 -31.64 15.06 19.64
CA ASN A 180 -31.70 14.42 18.31
C ASN A 180 -30.26 14.24 17.85
N LYS A 181 -29.61 13.15 18.28
CA LYS A 181 -28.22 12.93 17.94
C LYS A 181 -28.05 12.35 16.53
N VAL A 182 -26.86 12.55 15.97
CA VAL A 182 -26.53 11.92 14.70
C VAL A 182 -26.62 10.40 14.83
N ARG A 183 -27.16 9.75 13.80
CA ARG A 183 -27.32 8.31 13.77
C ARG A 183 -26.41 7.71 12.71
N GLY A 184 -25.79 6.58 13.03
CA GLY A 184 -24.96 5.91 12.04
C GLY A 184 -25.79 5.43 10.87
N VAL A 185 -25.15 5.37 9.70
CA VAL A 185 -25.82 4.94 8.50
C VAL A 185 -25.11 3.80 7.78
N GLN A 186 -23.83 3.54 8.06
CA GLN A 186 -23.12 2.54 7.27
C GLN A 186 -23.71 1.15 7.41
N GLN A 187 -24.33 0.84 8.55
CA GLN A 187 -24.95 -0.47 8.68
C GLN A 187 -26.17 -0.63 7.77
N LEU A 188 -26.85 0.48 7.44
CA LEU A 188 -27.93 0.39 6.47
C LEU A 188 -27.38 0.20 5.06
N ILE A 189 -26.28 0.89 4.73
CA ILE A 189 -25.67 0.67 3.43
C ILE A 189 -25.20 -0.78 3.29
N GLN A 190 -24.69 -1.37 4.38
CA GLN A 190 -24.26 -2.77 4.32
C GLN A 190 -25.42 -3.68 3.95
N ARG A 191 -26.63 -3.39 4.44
CA ARG A 191 -27.80 -4.21 4.12
C ARG A 191 -28.07 -4.20 2.62
N LEU A 192 -27.83 -3.07 1.96
CA LEU A 192 -28.00 -3.01 0.52
C LEU A 192 -26.88 -3.75 -0.20
N ARG A 193 -25.63 -3.46 0.18
CA ARG A 193 -24.47 -4.08 -0.47
C ARG A 193 -24.47 -5.59 -0.33
N LEU A 194 -25.19 -6.10 0.66
CA LEU A 194 -25.28 -7.54 0.89
C LEU A 194 -25.94 -8.28 -0.28
N ILE A 195 -26.87 -7.64 -0.99
CA ILE A 195 -27.59 -8.27 -2.09
C ILE A 195 -27.16 -7.64 -3.41
N LYS A 196 -26.48 -8.43 -4.27
CA LYS A 196 -25.95 -7.90 -5.52
C LYS A 196 -26.99 -7.90 -6.63
N SER A 197 -26.98 -6.86 -7.45
CA SER A 197 -27.81 -6.81 -8.65
C SER A 197 -27.17 -7.66 -9.74
N PRO A 198 -27.89 -7.92 -10.82
CA PRO A 198 -27.27 -8.64 -11.94
C PRO A 198 -26.03 -7.94 -12.48
N ALA A 199 -26.05 -6.60 -12.54
CA ALA A 199 -24.87 -5.90 -13.04
C ALA A 199 -23.69 -6.05 -12.09
N GLU A 200 -23.93 -6.03 -10.77
CA GLU A 200 -22.83 -6.28 -9.85
C GLU A 200 -22.29 -7.71 -9.99
N ILE A 201 -23.18 -8.69 -10.15
CA ILE A 201 -22.72 -10.07 -10.33
C ILE A 201 -21.85 -10.19 -11.58
N GLU A 202 -22.23 -9.48 -12.67
CA GLU A 202 -21.42 -9.50 -13.87
C GLU A 202 -20.03 -8.92 -13.61
N ARG A 203 -19.94 -7.83 -12.82
CA ARG A 203 -18.63 -7.27 -12.48
C ARG A 203 -17.80 -8.26 -11.68
N MET A 204 -18.45 -8.94 -10.72
CA MET A 204 -17.73 -9.93 -9.92
C MET A 204 -17.29 -11.12 -10.77
N GLN A 205 -18.10 -11.49 -11.77
CA GLN A 205 -17.70 -12.58 -12.66
C GLN A 205 -16.47 -12.20 -13.46
N ILE A 206 -16.42 -10.96 -13.97
CA ILE A 206 -15.26 -10.50 -14.71
C ILE A 206 -14.01 -10.52 -13.84
N ALA A 207 -14.12 -10.03 -12.60
CA ALA A 207 -12.99 -10.08 -11.69
C ALA A 207 -12.54 -11.52 -11.43
N GLY A 208 -13.50 -12.43 -11.25
CA GLY A 208 -13.14 -13.82 -11.00
C GLY A 208 -12.47 -14.48 -12.19
N LYS A 209 -12.93 -14.18 -13.41
CA LYS A 209 -12.31 -14.81 -14.58
C LYS A 209 -10.88 -14.30 -14.78
N LEU A 210 -10.68 -13.00 -14.62
CA LEU A 210 -9.35 -12.41 -14.73
C LEU A 210 -8.41 -13.03 -13.71
N THR A 211 -8.86 -13.12 -12.46
CA THR A 211 -8.01 -13.70 -11.42
C THR A 211 -7.71 -15.16 -11.71
N SER A 212 -8.73 -15.92 -12.17
CA SER A 212 -8.53 -17.33 -12.53
C SER A 212 -7.46 -17.46 -13.59
N GLN A 213 -7.45 -16.54 -14.55
CA GLN A 213 -6.44 -16.60 -15.62
CA GLN A 213 -6.44 -16.61 -15.62
C GLN A 213 -5.05 -16.32 -15.07
N ALA A 214 -4.95 -15.38 -14.11
CA ALA A 214 -3.65 -15.08 -13.51
C ALA A 214 -3.12 -16.28 -12.73
N PHE A 215 -4.00 -17.01 -12.04
CA PHE A 215 -3.58 -18.24 -11.37
C PHE A 215 -3.06 -19.25 -12.38
N ILE A 216 -3.80 -19.45 -13.47
CA ILE A 216 -3.43 -20.42 -14.49
C ILE A 216 -2.04 -20.10 -15.04
N GLU A 217 -1.80 -18.81 -15.33
CA GLU A 217 -0.48 -18.43 -15.85
C GLU A 217 0.61 -18.71 -14.83
N THR A 218 0.30 -18.48 -13.55
CA THR A 218 1.30 -18.67 -12.50
C THR A 218 1.58 -20.17 -12.30
N MET A 219 0.54 -21.02 -12.37
CA MET A 219 0.76 -22.46 -12.34
C MET A 219 1.56 -22.91 -13.55
N PHE A 220 1.26 -22.36 -14.73
CA PHE A 220 1.82 -22.84 -15.99
C PHE A 220 3.34 -22.73 -16.00
N THR A 221 3.88 -21.64 -15.46
CA THR A 221 5.32 -21.43 -15.41
C THR A 221 5.94 -21.80 -14.07
N SER A 222 5.16 -22.46 -13.19
CA SER A 222 5.71 -22.94 -11.94
C SER A 222 6.87 -23.90 -12.19
N LYS A 223 7.89 -23.81 -11.34
CA LYS A 223 9.02 -24.74 -11.42
C LYS A 223 9.57 -24.91 -10.01
N ALA A 224 10.48 -25.86 -9.85
CA ALA A 224 11.10 -26.05 -8.55
C ALA A 224 12.62 -26.07 -8.70
N PRO A 225 13.33 -25.40 -7.79
CA PRO A 225 12.76 -24.55 -6.74
C PRO A 225 12.29 -23.22 -7.31
N VAL A 226 11.51 -22.47 -6.55
CA VAL A 226 11.04 -21.17 -7.01
C VAL A 226 10.87 -20.26 -5.81
N GLU A 227 11.20 -18.99 -5.99
CA GLU A 227 11.05 -18.01 -4.91
C GLU A 227 9.59 -17.64 -4.76
N GLU A 228 9.13 -17.54 -3.50
CA GLU A 228 7.80 -16.95 -3.25
C GLU A 228 7.68 -15.59 -3.91
N ALA A 229 8.74 -14.78 -3.82
CA ALA A 229 8.70 -13.45 -4.40
C ALA A 229 8.50 -13.49 -5.88
N PHE A 230 9.00 -14.54 -6.55
CA PHE A 230 8.80 -14.64 -7.99
C PHE A 230 7.36 -14.98 -8.32
N LEU A 231 6.78 -15.94 -7.59
CA LEU A 231 5.38 -16.25 -7.84
C LEU A 231 4.48 -15.06 -7.54
N TYR A 232 4.77 -14.32 -6.47
CA TYR A 232 4.06 -13.07 -6.19
C TYR A 232 4.18 -12.11 -7.37
N ALA A 233 5.41 -11.88 -7.83
CA ALA A 233 5.60 -10.95 -8.94
C ALA A 233 4.83 -11.39 -10.18
N LYS A 234 4.88 -12.68 -10.50
CA LYS A 234 4.19 -13.21 -11.68
C LYS A 234 2.68 -13.06 -11.55
N PHE A 235 2.13 -13.44 -10.38
CA PHE A 235 0.68 -13.34 -10.19
C PHE A 235 0.21 -11.90 -10.35
N GLU A 236 0.90 -10.98 -9.70
CA GLU A 236 0.49 -9.58 -9.77
C GLU A 236 0.64 -9.06 -11.19
N PHE A 237 1.73 -9.42 -11.87
CA PHE A 237 1.88 -8.99 -13.27
C PHE A 237 0.68 -9.43 -14.11
N GLU A 238 0.29 -10.70 -13.98
CA GLU A 238 -0.76 -11.24 -14.82
C GLU A 238 -2.10 -10.59 -14.53
N CYS A 239 -2.36 -10.26 -13.26
CA CYS A 239 -3.60 -9.52 -12.93
C CYS A 239 -3.63 -8.14 -13.58
N ARG A 240 -2.54 -7.39 -13.40
CA ARG A 240 -2.47 -6.02 -13.90
C ARG A 240 -2.42 -5.99 -15.41
N ALA A 241 -1.67 -6.91 -16.01
CA ALA A 241 -1.60 -6.97 -17.47
C ALA A 241 -2.97 -7.20 -18.08
N ARG A 242 -3.86 -7.89 -17.37
CA ARG A 242 -5.23 -8.11 -17.83
C ARG A 242 -6.19 -7.01 -17.42
N GLY A 243 -5.72 -5.91 -16.87
CA GLY A 243 -6.60 -4.78 -16.66
C GLY A 243 -7.12 -4.63 -15.24
N ALA A 244 -6.80 -5.56 -14.34
CA ALA A 244 -7.12 -5.35 -12.94
C ALA A 244 -6.55 -4.02 -12.47
N ASP A 245 -7.35 -3.31 -11.69
CA ASP A 245 -6.93 -1.99 -11.22
C ASP A 245 -5.88 -2.08 -10.12
N ILE A 246 -6.06 -2.98 -9.15
CA ILE A 246 -5.15 -3.15 -8.01
C ILE A 246 -5.33 -4.59 -7.57
N LEU A 247 -4.39 -5.08 -6.76
CA LEU A 247 -4.69 -6.30 -6.01
C LEU A 247 -5.69 -5.98 -4.91
N ALA A 248 -6.55 -6.95 -4.59
CA ALA A 248 -7.58 -6.67 -3.58
C ALA A 248 -7.10 -6.78 -2.15
N TYR A 249 -5.96 -7.42 -1.90
CA TYR A 249 -5.40 -7.62 -0.57
C TYR A 249 -3.97 -8.05 -0.75
N PRO A 250 -3.14 -7.95 0.28
CA PRO A 250 -1.77 -8.48 0.17
C PRO A 250 -1.82 -9.99 -0.04
N PRO A 251 -1.27 -10.51 -1.12
CA PRO A 251 -1.39 -11.97 -1.35
C PRO A 251 -0.61 -12.79 -0.34
N VAL A 252 -1.12 -13.99 -0.12
CA VAL A 252 -0.38 -15.04 0.58
C VAL A 252 0.34 -15.86 -0.48
N VAL A 253 1.67 -15.97 -0.41
CA VAL A 253 2.42 -16.83 -1.33
C VAL A 253 3.34 -17.64 -0.41
N ALA A 254 2.81 -18.74 0.13
CA ALA A 254 3.42 -19.41 1.27
C ALA A 254 3.80 -20.83 0.87
N GLY A 255 5.10 -21.13 0.83
CA GLY A 255 5.56 -22.45 0.44
C GLY A 255 5.88 -23.38 1.60
N GLY A 256 5.74 -24.68 1.35
CA GLY A 256 6.16 -25.69 2.33
C GLY A 256 5.50 -25.47 3.67
N ASN A 257 6.28 -25.52 4.75
CA ASN A 257 5.66 -25.39 6.07
C ASN A 257 5.11 -24.01 6.31
N ARG A 258 5.55 -23.01 5.54
CA ARG A 258 5.04 -21.67 5.76
C ARG A 258 3.57 -21.56 5.36
N SER A 259 3.07 -22.50 4.56
CA SER A 259 1.64 -22.54 4.26
C SER A 259 0.80 -22.66 5.53
N ASN A 260 1.40 -23.12 6.63
CA ASN A 260 0.68 -23.27 7.88
C ASN A 260 0.65 -21.99 8.70
N THR A 261 1.34 -20.93 8.27
CA THR A 261 1.25 -19.62 8.91
C THR A 261 0.12 -18.87 8.24
N LEU A 262 -0.98 -18.66 8.97
CA LEU A 262 -2.24 -18.33 8.31
C LEU A 262 -2.27 -16.92 7.73
N HIS A 263 -1.52 -15.97 8.30
CA HIS A 263 -1.47 -14.61 7.76
C HIS A 263 -0.09 -14.30 7.18
N TYR A 264 0.53 -15.32 6.59
CA TYR A 264 1.82 -15.17 5.91
C TYR A 264 1.69 -14.27 4.68
N VAL A 265 2.34 -13.10 4.72
CA VAL A 265 2.33 -12.19 3.59
C VAL A 265 3.73 -11.73 3.21
N LYS A 266 4.77 -12.21 3.90
CA LYS A 266 6.08 -11.65 3.55
C LYS A 266 6.62 -12.19 2.22
N ASN A 267 6.25 -13.41 1.85
CA ASN A 267 6.44 -13.90 0.48
C ASN A 267 7.88 -13.73 0.00
N ASN A 268 8.84 -14.16 0.85
CA ASN A 268 10.24 -13.88 0.53
C ASN A 268 11.17 -15.05 0.80
N GLN A 269 10.65 -16.29 0.80
CA GLN A 269 11.46 -17.48 1.01
C GLN A 269 11.42 -18.41 -0.21
N LEU A 270 12.42 -19.30 -0.31
CA LEU A 270 12.51 -20.24 -1.42
C LEU A 270 11.60 -21.45 -1.18
N ILE A 271 10.86 -21.85 -2.22
CA ILE A 271 10.06 -23.07 -2.17
C ILE A 271 10.85 -24.17 -2.85
N LYS A 272 11.08 -25.27 -2.14
CA LYS A 272 11.94 -26.35 -2.60
C LYS A 272 11.19 -27.34 -3.49
N ASP A 273 11.97 -28.08 -4.29
CA ASP A 273 11.42 -29.23 -5.01
C ASP A 273 10.76 -30.18 -4.02
N GLY A 274 9.53 -30.58 -4.34
CA GLY A 274 8.75 -31.46 -3.47
C GLY A 274 7.84 -30.74 -2.49
N GLU A 275 7.86 -29.41 -2.46
CA GLU A 275 6.97 -28.63 -1.62
C GLU A 275 5.82 -28.06 -2.44
N MET A 276 4.73 -27.77 -1.75
CA MET A 276 3.61 -27.06 -2.35
C MET A 276 3.67 -25.57 -2.02
N VAL A 277 3.00 -24.77 -2.85
CA VAL A 277 2.72 -23.37 -2.56
C VAL A 277 1.22 -23.20 -2.31
N LEU A 278 0.90 -22.45 -1.26
CA LEU A 278 -0.46 -21.99 -1.00
C LEU A 278 -0.49 -20.53 -1.45
N LEU A 279 -1.25 -20.23 -2.50
CA LEU A 279 -1.30 -18.89 -3.08
C LEU A 279 -2.73 -18.39 -2.95
N ASP A 280 -2.91 -17.39 -2.07
CA ASP A 280 -4.19 -16.71 -1.88
C ASP A 280 -4.06 -15.33 -2.53
N GLY A 281 -4.80 -15.09 -3.62
CA GLY A 281 -4.64 -13.86 -4.37
C GLY A 281 -5.95 -13.46 -5.03
N GLY A 282 -6.16 -12.14 -5.09
CA GLY A 282 -7.38 -11.61 -5.67
C GLY A 282 -7.12 -10.21 -6.15
N CYS A 283 -8.00 -9.73 -7.02
CA CYS A 283 -7.80 -8.39 -7.54
C CYS A 283 -9.12 -7.65 -7.55
N GLU A 284 -9.03 -6.35 -7.82
CA GLU A 284 -10.18 -5.47 -7.97
C GLU A 284 -10.28 -5.06 -9.43
N SER A 285 -11.47 -5.19 -10.01
CA SER A 285 -11.68 -4.75 -11.37
C SER A 285 -13.05 -4.08 -11.44
N SER A 286 -13.09 -2.84 -11.93
CA SER A 286 -14.34 -2.08 -12.03
C SER A 286 -15.11 -2.05 -10.70
N CYS A 287 -14.37 -1.89 -9.59
CA CYS A 287 -14.84 -1.61 -8.24
C CYS A 287 -15.20 -2.86 -7.42
N TYR A 288 -15.08 -4.07 -7.98
CA TYR A 288 -15.44 -5.31 -7.29
C TYR A 288 -14.25 -6.25 -7.23
N VAL A 289 -14.23 -7.13 -6.22
CA VAL A 289 -13.04 -7.91 -5.95
C VAL A 289 -13.30 -9.41 -6.13
N SER A 290 -12.19 -10.15 -6.21
CA SER A 290 -12.13 -11.60 -6.12
C SER A 290 -11.28 -11.97 -4.90
N ASP A 291 -11.37 -13.25 -4.51
CA ASP A 291 -10.65 -13.73 -3.34
C ASP A 291 -10.51 -15.25 -3.53
N ILE A 292 -9.37 -15.68 -4.07
CA ILE A 292 -9.20 -17.06 -4.51
C ILE A 292 -7.94 -17.65 -3.86
N THR A 293 -8.04 -18.92 -3.43
CA THR A 293 -6.86 -19.66 -2.94
C THR A 293 -6.74 -20.96 -3.73
N ARG A 294 -5.53 -21.23 -4.19
CA ARG A 294 -5.17 -22.53 -4.72
C ARG A 294 -3.86 -22.98 -4.09
N THR A 295 -3.75 -24.29 -3.90
CA THR A 295 -2.54 -24.95 -3.42
C THR A 295 -2.05 -25.93 -4.48
N TRP A 296 -0.76 -25.90 -4.80
CA TRP A 296 -0.27 -26.86 -5.79
C TRP A 296 1.21 -27.16 -5.56
N PRO A 297 1.67 -28.34 -6.01
CA PRO A 297 3.11 -28.66 -5.94
C PRO A 297 3.90 -27.85 -6.96
N VAL A 298 4.99 -27.21 -6.52
CA VAL A 298 5.67 -26.32 -7.47
C VAL A 298 6.38 -27.10 -8.56
N ASN A 299 6.72 -28.37 -8.33
CA ASN A 299 7.30 -29.20 -9.40
C ASN A 299 6.22 -29.86 -10.26
N GLY A 300 4.95 -29.56 -10.04
CA GLY A 300 3.91 -30.03 -10.92
C GLY A 300 3.30 -31.39 -10.59
N ARG A 301 3.77 -32.10 -9.57
CA ARG A 301 3.31 -33.45 -9.29
C ARG A 301 3.08 -33.61 -7.80
N PHE A 302 1.85 -33.93 -7.41
CA PHE A 302 1.57 -34.20 -6.00
C PHE A 302 2.31 -35.45 -5.57
N THR A 303 2.95 -35.41 -4.41
CA THR A 303 3.37 -36.66 -3.77
C THR A 303 2.15 -37.40 -3.24
N ALA A 304 2.35 -38.65 -2.85
CA ALA A 304 1.23 -39.43 -2.32
C ALA A 304 0.61 -38.78 -1.07
N PRO A 305 1.38 -38.37 -0.05
CA PRO A 305 0.74 -37.69 1.09
C PRO A 305 0.16 -36.34 0.73
N GLN A 306 0.81 -35.58 -0.15
CA GLN A 306 0.20 -34.32 -0.57
C GLN A 306 -1.13 -34.56 -1.24
N ALA A 307 -1.22 -35.60 -2.09
CA ALA A 307 -2.47 -35.92 -2.77
C ALA A 307 -3.55 -36.33 -1.78
N GLU A 308 -3.18 -37.12 -0.76
CA GLU A 308 -4.17 -37.53 0.23
C GLU A 308 -4.75 -36.32 0.94
N LEU A 309 -3.87 -35.42 1.41
CA LEU A 309 -4.31 -34.24 2.12
C LEU A 309 -5.11 -33.32 1.20
N TYR A 310 -4.61 -33.08 -0.02
CA TYR A 310 -5.28 -32.17 -0.95
C TYR A 310 -6.69 -32.67 -1.28
N GLU A 311 -6.82 -33.96 -1.61
CA GLU A 311 -8.12 -34.49 -1.99
C GLU A 311 -9.11 -34.40 -0.83
N ALA A 312 -8.62 -34.59 0.39
CA ALA A 312 -9.49 -34.42 1.56
C ALA A 312 -10.07 -32.99 1.63
N VAL A 313 -9.23 -31.97 1.47
CA VAL A 313 -9.70 -30.59 1.52
C VAL A 313 -10.64 -30.31 0.35
N LEU A 314 -10.31 -30.83 -0.84
CA LEU A 314 -11.18 -30.62 -2.01
C LEU A 314 -12.55 -31.22 -1.77
N GLU A 315 -12.61 -32.40 -1.15
N GLU A 315 -12.60 -32.39 -1.15
CA GLU A 315 -13.89 -33.04 -0.88
CA GLU A 315 -13.89 -33.04 -0.88
C GLU A 315 -14.71 -32.21 0.11
C GLU A 315 -14.72 -32.21 0.11
N ILE A 316 -14.06 -31.72 1.17
CA ILE A 316 -14.73 -30.83 2.12
C ILE A 316 -15.27 -29.60 1.40
N GLN A 317 -14.43 -28.99 0.55
CA GLN A 317 -14.83 -27.76 -0.12
C GLN A 317 -16.02 -28.00 -1.05
N ARG A 318 -15.99 -29.12 -1.79
CA ARG A 318 -17.09 -29.48 -2.67
C ARG A 318 -18.41 -29.56 -1.92
N ASP A 319 -18.38 -30.23 -0.76
CA ASP A 319 -19.59 -30.40 0.05
C ASP A 319 -20.06 -29.05 0.60
N CYS A 320 -19.13 -28.20 1.01
CA CYS A 320 -19.54 -26.89 1.53
C CYS A 320 -20.07 -25.98 0.42
N LEU A 321 -19.47 -26.03 -0.77
CA LEU A 321 -20.01 -25.25 -1.90
C LEU A 321 -21.43 -25.67 -2.21
N ALA A 322 -21.73 -26.97 -2.10
CA ALA A 322 -23.08 -27.43 -2.41
C ALA A 322 -24.13 -26.94 -1.41
N LEU A 323 -23.71 -26.44 -0.25
CA LEU A 323 -24.62 -25.88 0.74
C LEU A 323 -24.94 -24.42 0.49
N CYS A 324 -24.42 -23.82 -0.58
CA CYS A 324 -24.61 -22.39 -0.79
C CYS A 324 -25.90 -22.13 -1.55
N PHE A 325 -27.01 -22.42 -0.89
CA PHE A 325 -28.32 -22.21 -1.47
C PHE A 325 -29.21 -21.48 -0.48
N PRO A 326 -30.31 -20.87 -0.92
CA PRO A 326 -31.07 -20.02 0.00
C PRO A 326 -31.57 -20.78 1.22
N GLY A 327 -31.40 -20.16 2.39
CA GLY A 327 -31.88 -20.74 3.64
C GLY A 327 -30.77 -21.17 4.57
N THR A 328 -29.69 -21.69 4.01
CA THR A 328 -28.51 -22.04 4.80
CA THR A 328 -28.53 -22.03 4.84
C THR A 328 -27.78 -20.75 5.19
N SER A 329 -27.04 -20.78 6.30
CA SER A 329 -26.22 -19.63 6.68
C SER A 329 -24.74 -19.99 6.66
N LEU A 330 -23.90 -18.95 6.63
CA LEU A 330 -22.46 -19.20 6.77
C LEU A 330 -22.16 -19.97 8.04
N GLU A 331 -22.87 -19.66 9.14
CA GLU A 331 -22.67 -20.40 10.38
C GLU A 331 -22.99 -21.89 10.21
N ASN A 332 -24.08 -22.22 9.51
CA ASN A 332 -24.40 -23.63 9.27
C ASN A 332 -23.31 -24.29 8.46
N ILE A 333 -22.78 -23.58 7.46
CA ILE A 333 -21.77 -24.16 6.60
C ILE A 333 -20.47 -24.35 7.37
N TYR A 334 -20.18 -23.42 8.31
CA TYR A 334 -19.02 -23.59 9.17
C TYR A 334 -19.16 -24.81 10.07
N SER A 335 -20.35 -25.04 10.61
CA SER A 335 -20.60 -26.25 11.39
CA SER A 335 -20.58 -26.25 11.38
C SER A 335 -20.34 -27.49 10.55
N MET A 336 -20.85 -27.50 9.32
CA MET A 336 -20.60 -28.61 8.41
C MET A 336 -19.11 -28.78 8.14
N MET A 337 -18.41 -27.68 7.88
CA MET A 337 -16.98 -27.76 7.60
C MET A 337 -16.25 -28.47 8.74
N LEU A 338 -16.51 -28.03 9.98
CA LEU A 338 -15.81 -28.65 11.11
C LEU A 338 -16.17 -30.12 11.24
N THR A 339 -17.42 -30.48 10.94
CA THR A 339 -17.81 -31.88 11.02
C THR A 339 -17.05 -32.70 9.99
N LEU A 340 -16.98 -32.19 8.76
CA LEU A 340 -16.31 -32.90 7.67
C LEU A 340 -14.80 -32.97 7.91
N ILE A 341 -14.21 -31.89 8.44
CA ILE A 341 -12.78 -31.93 8.76
C ILE A 341 -12.51 -33.06 9.75
N GLY A 342 -13.34 -33.17 10.80
CA GLY A 342 -13.16 -34.28 11.74
C GLY A 342 -13.18 -35.64 11.08
N GLN A 343 -14.11 -35.84 10.14
CA GLN A 343 -14.15 -37.11 9.40
C GLN A 343 -12.84 -37.35 8.64
N LYS A 344 -12.34 -36.33 7.94
CA LYS A 344 -11.12 -36.50 7.16
C LYS A 344 -9.90 -36.72 8.03
N LEU A 345 -9.80 -36.03 9.17
CA LEU A 345 -8.68 -36.26 10.08
C LEU A 345 -8.65 -37.70 10.54
N LYS A 346 -9.83 -38.29 10.82
CA LYS A 346 -9.89 -39.70 11.16
C LYS A 346 -9.44 -40.55 9.98
N ASP A 347 -9.99 -40.30 8.80
CA ASP A 347 -9.64 -41.08 7.61
C ASP A 347 -8.15 -41.01 7.32
N LEU A 348 -7.53 -39.84 7.52
CA LEU A 348 -6.10 -39.64 7.24
C LEU A 348 -5.21 -40.18 8.34
N GLY A 349 -5.76 -40.59 9.48
CA GLY A 349 -4.94 -41.06 10.56
C GLY A 349 -4.34 -39.97 11.41
N ILE A 350 -4.78 -38.73 11.23
CA ILE A 350 -4.34 -37.62 12.06
C ILE A 350 -5.07 -37.66 13.40
N MET A 351 -6.36 -37.93 13.36
CA MET A 351 -7.19 -38.07 14.55
C MET A 351 -7.34 -39.55 14.84
N LYS A 352 -6.85 -40.00 15.98
CA LYS A 352 -6.83 -41.44 16.28
C LYS A 352 -8.10 -41.88 17.00
N ASN A 353 -8.74 -40.98 17.74
CA ASN A 353 -9.88 -41.30 18.58
C ASN A 353 -11.02 -40.36 18.21
N ILE A 354 -12.21 -40.91 18.00
CA ILE A 354 -13.35 -40.13 17.49
C ILE A 354 -13.72 -39.00 18.46
N LYS A 355 -13.60 -39.24 19.77
CA LYS A 355 -13.96 -38.22 20.77
C LYS A 355 -13.10 -36.96 20.66
N GLU A 356 -12.03 -36.97 19.88
CA GLU A 356 -11.18 -35.79 19.73
C GLU A 356 -11.91 -34.62 19.04
N ASN A 357 -12.98 -34.89 18.29
CA ASN A 357 -13.75 -33.80 17.73
C ASN A 357 -14.95 -33.42 18.59
N ASN A 358 -14.92 -33.79 19.87
CA ASN A 358 -15.84 -33.21 20.84
C ASN A 358 -15.65 -31.70 20.85
N ALA A 359 -16.77 -30.97 20.82
CA ALA A 359 -16.75 -29.52 20.71
C ALA A 359 -15.89 -29.06 19.52
N PHE A 360 -15.74 -29.90 18.50
CA PHE A 360 -14.99 -29.55 17.29
C PHE A 360 -13.54 -29.20 17.61
N LYS A 361 -13.02 -29.76 18.70
CA LYS A 361 -11.70 -29.35 19.18
C LYS A 361 -10.61 -29.69 18.16
N ALA A 362 -10.59 -30.93 17.69
CA ALA A 362 -9.57 -31.32 16.72
C ALA A 362 -9.73 -30.54 15.43
N ALA A 363 -10.98 -30.40 14.95
CA ALA A 363 -11.19 -29.72 13.67
C ALA A 363 -10.70 -28.28 13.75
N ARG A 364 -10.94 -27.59 14.87
CA ARG A 364 -10.49 -26.20 15.00
C ARG A 364 -8.98 -26.11 15.16
N LYS A 365 -8.36 -27.13 15.72
CA LYS A 365 -6.90 -27.18 15.76
C LYS A 365 -6.33 -27.23 14.36
N TYR A 366 -6.95 -28.00 13.47
CA TYR A 366 -6.38 -28.18 12.15
C TYR A 366 -6.93 -27.19 11.12
N CYS A 367 -8.02 -26.46 11.43
CA CYS A 367 -8.48 -25.34 10.61
C CYS A 367 -8.93 -24.24 11.54
N PRO A 368 -8.03 -23.33 11.92
CA PRO A 368 -8.34 -22.33 12.95
C PRO A 368 -9.14 -21.15 12.45
N HIS A 369 -9.53 -21.10 11.18
CA HIS A 369 -10.23 -19.95 10.63
C HIS A 369 -11.64 -20.33 10.17
N HIS A 370 -12.41 -19.32 9.76
CA HIS A 370 -13.81 -19.57 9.38
C HIS A 370 -13.88 -20.16 7.97
N VAL A 371 -15.08 -20.65 7.63
CA VAL A 371 -15.29 -21.25 6.31
C VAL A 371 -15.41 -20.18 5.23
N GLY A 372 -15.82 -18.97 5.59
CA GLY A 372 -16.00 -17.97 4.54
C GLY A 372 -16.58 -16.69 5.09
N HIS A 373 -16.87 -15.76 4.16
CA HIS A 373 -17.32 -14.41 4.51
C HIS A 373 -18.05 -13.85 3.29
N TYR A 374 -18.78 -12.76 3.50
CA TYR A 374 -19.38 -12.03 2.37
C TYR A 374 -18.30 -11.37 1.53
N LEU A 375 -18.59 -11.17 0.24
CA LEU A 375 -17.64 -10.66 -0.74
C LEU A 375 -18.35 -9.64 -1.62
N GLY A 376 -17.67 -8.57 -2.00
CA GLY A 376 -18.34 -7.61 -2.89
C GLY A 376 -17.35 -6.53 -3.36
N MET A 377 -17.60 -5.27 -3.00
CA MET A 377 -16.63 -4.22 -3.25
C MET A 377 -15.41 -4.36 -2.32
N ASP A 378 -15.60 -5.01 -1.17
CA ASP A 378 -14.53 -5.29 -0.21
C ASP A 378 -14.34 -6.80 -0.12
N VAL A 379 -13.15 -7.19 0.36
CA VAL A 379 -12.81 -8.60 0.56
C VAL A 379 -13.62 -9.18 1.71
N HIS A 380 -13.55 -8.56 2.89
CA HIS A 380 -14.46 -8.89 3.97
C HIS A 380 -15.62 -7.90 3.87
N ASP A 381 -16.53 -8.24 2.94
CA ASP A 381 -17.63 -7.35 2.61
C ASP A 381 -18.62 -7.29 3.77
N THR A 382 -19.31 -6.17 3.89
CA THR A 382 -20.38 -5.94 4.87
C THR A 382 -20.13 -6.67 6.18
N PRO A 383 -19.08 -6.29 6.91
CA PRO A 383 -18.60 -7.14 8.01
C PRO A 383 -19.49 -7.13 9.25
N ASP A 384 -20.47 -6.25 9.34
CA ASP A 384 -21.41 -6.29 10.46
C ASP A 384 -22.68 -7.07 10.14
N MET A 385 -22.80 -7.64 8.95
CA MET A 385 -23.94 -8.47 8.67
C MET A 385 -23.71 -9.85 9.29
N PRO A 386 -24.67 -10.39 10.04
CA PRO A 386 -24.40 -11.63 10.77
C PRO A 386 -24.10 -12.80 9.85
N ARG A 387 -23.18 -13.67 10.30
CA ARG A 387 -22.93 -14.90 9.59
C ARG A 387 -24.06 -15.91 9.82
N SER A 388 -24.98 -15.62 10.74
CA SER A 388 -26.14 -16.45 10.99
C SER A 388 -27.34 -16.12 10.09
N LEU A 389 -27.19 -15.13 9.21
CA LEU A 389 -28.29 -14.78 8.31
C LEU A 389 -28.55 -15.92 7.32
N PRO A 390 -29.80 -16.26 7.05
CA PRO A 390 -30.06 -17.22 5.98
C PRO A 390 -29.68 -16.62 4.63
N LEU A 391 -28.97 -17.40 3.84
CA LEU A 391 -28.55 -16.92 2.54
C LEU A 391 -29.76 -16.67 1.65
N GLN A 392 -29.68 -15.62 0.84
CA GLN A 392 -30.71 -15.23 -0.12
C GLN A 392 -30.06 -15.06 -1.48
N PRO A 393 -30.83 -15.20 -2.56
CA PRO A 393 -30.28 -14.96 -3.91
C PRO A 393 -29.68 -13.57 -4.01
N GLY A 394 -28.49 -13.50 -4.61
CA GLY A 394 -27.74 -12.25 -4.75
C GLY A 394 -26.65 -12.05 -3.71
N MET A 395 -26.69 -12.80 -2.61
CA MET A 395 -25.55 -12.75 -1.68
C MET A 395 -24.37 -13.45 -2.32
N VAL A 396 -23.15 -12.96 -2.01
CA VAL A 396 -21.91 -13.50 -2.56
C VAL A 396 -21.01 -13.80 -1.38
N ILE A 397 -20.50 -15.04 -1.30
CA ILE A 397 -19.66 -15.46 -0.19
C ILE A 397 -18.44 -16.19 -0.73
N THR A 398 -17.44 -16.34 0.15
CA THR A 398 -16.37 -17.28 -0.12
C THR A 398 -16.61 -18.60 0.65
N ILE A 399 -15.98 -19.65 0.15
CA ILE A 399 -15.89 -20.96 0.81
C ILE A 399 -14.40 -21.35 0.77
N GLU A 400 -13.74 -21.40 1.93
CA GLU A 400 -12.28 -21.50 1.94
C GLU A 400 -11.77 -22.42 3.05
N PRO A 401 -12.25 -23.67 3.10
CA PRO A 401 -11.72 -24.61 4.10
C PRO A 401 -10.23 -24.88 3.86
N GLY A 402 -9.51 -25.22 4.94
CA GLY A 402 -8.15 -25.69 4.81
C GLY A 402 -7.83 -26.67 5.93
N ILE A 403 -6.72 -27.38 5.77
CA ILE A 403 -6.18 -28.22 6.84
C ILE A 403 -4.68 -27.94 6.89
N TYR A 404 -4.15 -27.70 8.09
CA TYR A 404 -2.80 -27.19 8.30
C TYR A 404 -2.10 -28.08 9.31
N ILE A 405 -0.97 -28.67 8.92
CA ILE A 405 -0.24 -29.61 9.78
C ILE A 405 1.18 -29.10 9.94
N PRO A 406 1.46 -28.36 11.02
CA PRO A 406 2.81 -27.81 11.23
C PRO A 406 3.87 -28.91 11.21
N GLU A 407 5.08 -28.53 10.78
CA GLU A 407 6.14 -29.54 10.73
C GLU A 407 6.49 -30.07 12.11
N ASP A 408 6.22 -29.31 13.17
CA ASP A 408 6.52 -29.77 14.52
C ASP A 408 5.31 -30.38 15.21
N ASP A 409 4.29 -30.78 14.45
CA ASP A 409 3.10 -31.42 15.02
C ASP A 409 3.38 -32.91 15.14
N LYS A 410 3.86 -33.33 16.33
CA LYS A 410 4.21 -34.72 16.53
C LYS A 410 3.00 -35.62 16.70
N ASP A 411 1.79 -35.06 16.79
CA ASP A 411 0.58 -35.86 16.88
C ASP A 411 0.03 -36.28 15.53
N ALA A 412 0.57 -35.77 14.46
CA ALA A 412 0.18 -36.18 13.12
C ALA A 412 1.20 -37.15 12.54
N PRO A 413 0.76 -38.01 11.62
CA PRO A 413 1.72 -38.87 10.89
C PRO A 413 2.83 -38.04 10.25
N GLU A 414 4.04 -38.60 10.31
CA GLU A 414 5.22 -37.88 9.83
C GLU A 414 5.05 -37.41 8.39
N LYS A 415 4.39 -38.22 7.56
CA LYS A 415 4.25 -37.90 6.13
C LYS A 415 3.42 -36.64 5.88
N PHE A 416 2.64 -36.19 6.86
CA PHE A 416 1.82 -34.97 6.69
C PHE A 416 2.42 -33.75 7.36
N ARG A 417 3.47 -33.91 8.17
CA ARG A 417 4.00 -32.76 8.88
C ARG A 417 4.64 -31.79 7.91
N GLY A 418 4.31 -30.52 8.06
CA GLY A 418 4.80 -29.49 7.19
C GLY A 418 3.99 -29.24 5.96
N LEU A 419 2.79 -29.79 5.87
CA LEU A 419 1.90 -29.59 4.74
C LEU A 419 0.68 -28.79 5.19
N GLY A 420 0.30 -27.80 4.37
CA GLY A 420 -0.93 -27.05 4.58
C GLY A 420 -1.65 -26.87 3.24
N VAL A 421 -2.96 -27.03 3.23
CA VAL A 421 -3.74 -26.90 2.00
C VAL A 421 -4.96 -26.04 2.28
N ARG A 422 -5.19 -25.01 1.46
CA ARG A 422 -6.47 -24.31 1.44
C ARG A 422 -6.95 -24.17 -0.01
N ILE A 423 -8.27 -24.29 -0.20
CA ILE A 423 -8.90 -24.13 -1.50
C ILE A 423 -10.08 -23.18 -1.31
N GLU A 424 -10.05 -22.05 -1.99
CA GLU A 424 -11.03 -20.98 -1.77
C GLU A 424 -11.66 -20.59 -3.09
N ASP A 425 -12.99 -20.61 -3.14
CA ASP A 425 -13.76 -20.10 -4.28
C ASP A 425 -14.76 -19.04 -3.85
N ASP A 426 -15.23 -18.27 -4.83
CA ASP A 426 -16.18 -17.19 -4.62
C ASP A 426 -17.50 -17.57 -5.28
N VAL A 427 -18.61 -17.39 -4.55
CA VAL A 427 -19.88 -18.05 -4.89
C VAL A 427 -21.04 -17.06 -4.80
N VAL A 428 -21.90 -17.03 -5.84
CA VAL A 428 -23.14 -16.26 -5.82
C VAL A 428 -24.29 -17.20 -5.50
N VAL A 429 -25.05 -16.88 -4.45
CA VAL A 429 -26.28 -17.63 -4.17
C VAL A 429 -27.33 -17.25 -5.20
N THR A 430 -28.04 -18.24 -5.73
CA THR A 430 -29.09 -18.02 -6.74
C THR A 430 -30.37 -18.68 -6.24
N GLN A 431 -31.43 -18.59 -7.04
CA GLN A 431 -32.66 -19.24 -6.59
C GLN A 431 -32.51 -20.76 -6.51
N ASP A 432 -31.53 -21.33 -7.21
CA ASP A 432 -31.27 -22.77 -7.11
C ASP A 432 -29.81 -23.04 -6.79
N SER A 433 -29.04 -23.49 -7.82
CA SER A 433 -27.67 -23.91 -7.55
C SER A 433 -26.70 -22.74 -7.62
N PRO A 434 -25.66 -22.76 -6.80
CA PRO A 434 -24.76 -21.61 -6.72
C PRO A 434 -23.96 -21.40 -8.00
N LEU A 435 -23.63 -20.14 -8.25
CA LEU A 435 -22.78 -19.75 -9.37
C LEU A 435 -21.37 -19.54 -8.83
N ILE A 436 -20.42 -20.35 -9.28
CA ILE A 436 -19.05 -20.29 -8.76
C ILE A 436 -18.29 -19.30 -9.65
N LEU A 437 -18.05 -18.10 -9.11
CA LEU A 437 -17.42 -17.04 -9.92
C LEU A 437 -16.02 -17.43 -10.36
N SER A 438 -15.35 -18.26 -9.55
CA SER A 438 -13.97 -18.66 -9.78
C SER A 438 -13.87 -20.05 -10.41
N ALA A 439 -14.94 -20.50 -11.08
CA ALA A 439 -14.99 -21.86 -11.62
C ALA A 439 -13.91 -22.12 -12.68
N ASP A 440 -13.42 -21.08 -13.34
CA ASP A 440 -12.40 -21.29 -14.38
C ASP A 440 -11.03 -21.64 -13.79
N CYS A 441 -10.85 -21.49 -12.48
CA CYS A 441 -9.55 -21.68 -11.87
C CYS A 441 -9.39 -23.15 -11.47
N PRO A 442 -8.46 -23.91 -12.08
CA PRO A 442 -8.47 -25.36 -11.86
C PRO A 442 -8.20 -25.72 -10.41
N LYS A 443 -8.84 -26.80 -9.98
CA LYS A 443 -8.58 -27.29 -8.63
C LYS A 443 -8.61 -28.80 -8.53
N GLU A 444 -9.16 -29.53 -9.51
CA GLU A 444 -9.01 -30.98 -9.46
C GLU A 444 -7.54 -31.31 -9.66
N MET A 445 -7.05 -32.36 -8.99
CA MET A 445 -5.62 -32.63 -9.04
C MET A 445 -5.13 -32.90 -10.46
N ASN A 446 -5.92 -33.62 -11.25
CA ASN A 446 -5.51 -33.90 -12.63
C ASN A 446 -5.37 -32.62 -13.44
N ASP A 447 -6.31 -31.68 -13.26
CA ASP A 447 -6.26 -30.42 -14.00
C ASP A 447 -5.04 -29.60 -13.61
N ILE A 448 -4.72 -29.59 -12.32
CA ILE A 448 -3.54 -28.86 -11.85
C ILE A 448 -2.28 -29.45 -12.45
N GLU A 449 -2.14 -30.77 -12.38
CA GLU A 449 -0.94 -31.40 -12.91
C GLU A 449 -0.80 -31.21 -14.41
N GLN A 450 -1.92 -31.17 -15.14
CA GLN A 450 -1.87 -30.92 -16.58
C GLN A 450 -1.37 -29.51 -16.87
N ILE A 451 -1.79 -28.51 -16.09
CA ILE A 451 -1.37 -27.12 -16.33
C ILE A 451 0.09 -26.91 -15.93
N CYS A 452 0.50 -27.47 -14.79
CA CYS A 452 1.91 -27.30 -14.39
C CYS A 452 2.83 -28.10 -15.30
N LEU B 6 21.32 -13.29 1.20
CA LEU B 6 21.22 -13.49 2.65
C LEU B 6 22.37 -12.83 3.39
N LEU B 7 22.67 -13.33 4.59
CA LEU B 7 23.60 -12.68 5.50
C LEU B 7 24.94 -13.41 5.58
N ARG B 8 26.01 -12.66 5.37
CA ARG B 8 27.32 -13.15 5.72
C ARG B 8 27.39 -13.28 7.23
N PRO B 9 28.34 -14.07 7.74
CA PRO B 9 28.51 -14.12 9.20
C PRO B 9 28.75 -12.72 9.76
N GLY B 10 28.10 -12.45 10.89
CA GLY B 10 28.22 -11.16 11.53
C GLY B 10 27.31 -10.08 10.99
N GLU B 11 26.53 -10.35 9.94
CA GLU B 11 25.66 -9.32 9.37
C GLU B 11 24.29 -9.38 10.01
N VAL B 12 23.70 -8.20 10.23
CA VAL B 12 22.35 -8.11 10.76
C VAL B 12 21.34 -8.00 9.64
N THR B 13 21.63 -7.16 8.66
CA THR B 13 20.89 -7.07 7.41
C THR B 13 21.94 -7.17 6.32
N PRO B 14 21.55 -7.47 5.07
CA PRO B 14 22.58 -7.77 4.05
C PRO B 14 23.55 -6.61 3.89
N GLY B 15 24.85 -6.92 3.98
CA GLY B 15 25.90 -5.95 3.84
C GLY B 15 26.24 -5.16 5.09
N LEU B 16 25.42 -5.24 6.15
CA LEU B 16 25.57 -4.38 7.32
C LEU B 16 25.87 -5.19 8.57
N SER B 17 27.11 -5.07 9.07
CA SER B 17 27.60 -5.89 10.15
C SER B 17 27.09 -5.41 11.51
N GLN B 18 27.17 -6.30 12.51
CA GLN B 18 26.85 -5.90 13.88
C GLN B 18 27.68 -4.67 14.31
N VAL B 19 28.96 -4.64 13.96
CA VAL B 19 29.77 -3.53 14.43
C VAL B 19 29.36 -2.24 13.73
N GLU B 20 28.95 -2.30 12.45
CA GLU B 20 28.49 -1.08 11.80
C GLU B 20 27.26 -0.52 12.52
N TYR B 21 26.30 -1.36 12.89
CA TYR B 21 25.17 -0.86 13.68
C TYR B 21 25.63 -0.31 15.02
N ALA B 22 26.56 -0.98 15.68
CA ALA B 22 27.03 -0.47 16.96
C ALA B 22 27.69 0.89 16.79
N LEU B 23 28.39 1.08 15.69
CA LEU B 23 29.04 2.38 15.48
C LEU B 23 28.01 3.47 15.21
N ARG B 24 26.87 3.14 14.59
CA ARG B 24 25.83 4.15 14.42
C ARG B 24 25.30 4.57 15.78
N ARG B 25 25.07 3.61 16.68
CA ARG B 25 24.59 3.94 18.02
C ARG B 25 25.60 4.79 18.78
N HIS B 26 26.90 4.45 18.69
CA HIS B 26 27.95 5.25 19.29
C HIS B 26 27.90 6.69 18.79
N LYS B 27 27.78 6.87 17.47
CA LYS B 27 27.77 8.22 16.93
C LYS B 27 26.54 8.98 17.41
N LEU B 28 25.39 8.31 17.53
CA LEU B 28 24.22 9.03 18.03
C LEU B 28 24.45 9.49 19.46
N MET B 29 25.04 8.63 20.30
CA MET B 29 25.26 9.04 21.69
C MET B 29 26.33 10.13 21.77
N SER B 30 27.21 10.21 20.79
CA SER B 30 28.14 11.32 20.69
CA SER B 30 28.14 11.33 20.73
C SER B 30 27.42 12.63 20.39
N LEU B 31 26.43 12.59 19.48
CA LEU B 31 25.63 13.77 19.18
C LEU B 31 24.83 14.22 20.40
N ILE B 32 24.28 13.26 21.14
CA ILE B 32 23.50 13.61 22.33
C ILE B 32 24.40 14.24 23.38
N GLN B 33 25.63 13.76 23.50
CA GLN B 33 26.52 14.33 24.50
C GLN B 33 26.79 15.81 24.24
N LYS B 34 26.84 16.22 22.98
CA LYS B 34 27.06 17.62 22.65
C LYS B 34 25.86 18.50 22.98
N GLU B 35 24.66 17.94 23.06
CA GLU B 35 23.47 18.75 23.31
C GLU B 35 23.43 19.34 24.72
N THR B 42 23.44 14.50 34.11
CA THR B 42 23.52 13.23 34.83
C THR B 42 23.32 12.01 33.91
N ASP B 43 22.11 11.46 33.88
CA ASP B 43 21.83 10.25 33.11
C ASP B 43 21.06 10.58 31.84
N GLN B 44 21.27 9.76 30.81
CA GLN B 44 20.59 9.98 29.53
C GLN B 44 19.98 8.67 29.04
N THR B 45 18.81 8.78 28.43
CA THR B 45 18.11 7.63 27.85
C THR B 45 17.53 8.03 26.50
N VAL B 46 17.78 7.21 25.47
CA VAL B 46 17.19 7.39 24.15
C VAL B 46 16.19 6.26 23.95
N VAL B 47 14.98 6.60 23.48
CA VAL B 47 13.96 5.59 23.20
C VAL B 47 13.53 5.75 21.75
N VAL B 48 13.56 4.65 21.00
CA VAL B 48 13.11 4.65 19.60
C VAL B 48 12.15 3.48 19.44
N LEU B 49 10.91 3.78 19.03
CA LEU B 49 9.93 2.73 18.83
C LEU B 49 10.07 2.12 17.44
N SER B 50 9.68 0.84 17.34
CA SER B 50 9.59 0.21 16.04
C SER B 50 8.27 0.59 15.37
N ASN B 51 8.05 0.10 14.16
CA ASN B 51 6.71 0.19 13.57
C ASN B 51 5.79 -0.90 14.13
N PRO B 52 4.48 -0.68 14.03
CA PRO B 52 3.51 -1.76 14.27
C PRO B 52 3.27 -2.56 13.01
N THR B 53 2.42 -3.58 13.10
CA THR B 53 1.83 -4.17 11.91
C THR B 53 0.62 -3.33 11.56
N TYR B 54 0.55 -2.89 10.30
CA TYR B 54 -0.59 -2.15 9.83
C TYR B 54 -1.57 -3.09 9.14
N TYR B 55 -2.84 -2.71 9.14
CA TYR B 55 -3.90 -3.57 8.61
C TYR B 55 -4.69 -2.86 7.51
N MET B 56 -4.94 -3.59 6.41
CA MET B 56 -5.81 -3.09 5.36
C MET B 56 -7.25 -3.05 5.85
N SER B 57 -7.65 -4.11 6.53
CA SER B 57 -8.92 -4.13 7.22
C SER B 57 -8.74 -5.02 8.43
N ASN B 58 -9.82 -5.13 9.22
CA ASN B 58 -9.70 -5.61 10.59
C ASN B 58 -8.92 -6.91 10.71
N ASP B 59 -9.10 -7.84 9.76
CA ASP B 59 -8.46 -9.14 9.85
C ASP B 59 -7.48 -9.40 8.71
N ILE B 60 -6.96 -8.34 8.07
CA ILE B 60 -6.10 -8.50 6.90
C ILE B 60 -4.89 -7.60 7.05
N PRO B 61 -3.72 -8.17 7.33
CA PRO B 61 -2.52 -7.36 7.54
C PRO B 61 -1.82 -6.99 6.25
N TYR B 62 -1.14 -5.84 6.28
CA TYR B 62 -0.13 -5.55 5.28
C TYR B 62 1.19 -6.23 5.64
N THR B 63 2.05 -6.39 4.63
CA THR B 63 3.42 -6.84 4.88
C THR B 63 4.10 -5.82 5.79
N PHE B 64 4.98 -6.31 6.65
CA PHE B 64 5.62 -5.44 7.63
C PHE B 64 6.74 -4.63 6.98
N HIS B 65 6.87 -3.38 7.37
CA HIS B 65 8.04 -2.57 7.03
C HIS B 65 8.48 -1.89 8.32
N GLN B 66 9.77 -1.98 8.65
CA GLN B 66 10.25 -1.42 9.89
C GLN B 66 10.27 0.11 9.81
N ASP B 67 10.17 0.75 10.99
CA ASP B 67 10.46 2.18 11.05
C ASP B 67 11.93 2.40 10.70
N ASN B 68 12.22 3.33 9.79
CA ASN B 68 13.61 3.42 9.30
C ASN B 68 14.57 3.94 10.34
N ASN B 69 14.15 4.80 11.28
CA ASN B 69 15.11 5.22 12.31
C ASN B 69 15.43 4.07 13.26
N PHE B 70 14.40 3.34 13.70
CA PHE B 70 14.63 2.13 14.49
C PHE B 70 15.55 1.16 13.75
N LEU B 71 15.26 0.92 12.46
CA LEU B 71 16.01 -0.03 11.65
C LEU B 71 17.47 0.42 11.50
N TYR B 72 17.68 1.70 11.19
CA TYR B 72 19.02 2.24 11.07
C TYR B 72 19.86 1.96 12.30
N LEU B 73 19.27 2.11 13.50
CA LEU B 73 20.08 1.98 14.72
C LEU B 73 20.29 0.54 15.17
N CYS B 74 19.47 -0.43 14.73
CA CYS B 74 19.73 -1.78 15.23
C CYS B 74 19.48 -2.93 14.24
N GLY B 75 18.83 -2.67 13.11
CA GLY B 75 18.73 -3.70 12.09
C GLY B 75 17.66 -4.76 12.36
N PHE B 76 16.86 -4.58 13.40
CA PHE B 76 15.88 -5.58 13.82
C PHE B 76 14.58 -5.38 13.04
N GLN B 77 14.07 -6.45 12.42
CA GLN B 77 13.00 -6.35 11.43
C GLN B 77 11.67 -6.93 11.90
N GLU B 78 11.33 -6.76 13.18
CA GLU B 78 10.08 -7.31 13.71
C GLU B 78 9.27 -6.20 14.38
N PRO B 79 7.94 -6.31 14.39
CA PRO B 79 7.11 -5.23 14.92
C PRO B 79 7.10 -5.17 16.45
N ASP B 80 6.49 -4.09 16.94
CA ASP B 80 6.06 -3.98 18.35
C ASP B 80 7.24 -4.07 19.31
N SER B 81 8.35 -3.43 18.97
CA SER B 81 9.56 -3.49 19.77
C SER B 81 10.06 -2.08 20.08
N ILE B 82 10.93 -1.99 21.08
CA ILE B 82 11.47 -0.71 21.56
C ILE B 82 12.98 -0.85 21.68
N LEU B 83 13.72 0.09 21.10
CA LEU B 83 15.16 0.18 21.32
C LEU B 83 15.44 1.27 22.35
N VAL B 84 16.28 0.95 23.33
CA VAL B 84 16.69 1.89 24.38
C VAL B 84 18.21 1.99 24.37
N LEU B 85 18.74 3.21 24.33
CA LEU B 85 20.16 3.47 24.58
C LEU B 85 20.27 4.22 25.90
N GLN B 86 21.08 3.69 26.81
CA GLN B 86 21.12 4.19 28.17
C GLN B 86 22.56 4.49 28.57
N SER B 87 22.78 5.66 29.15
CA SER B 87 24.09 5.97 29.67
C SER B 87 24.45 5.00 30.81
N LEU B 88 25.76 4.87 31.07
CA LEU B 88 26.26 3.96 32.10
C LEU B 88 26.60 4.73 33.37
N PRO B 89 26.22 4.24 34.55
CA PRO B 89 26.53 4.97 35.79
C PRO B 89 28.03 5.15 35.93
N GLY B 90 28.44 6.38 36.25
CA GLY B 90 29.83 6.70 36.46
C GLY B 90 30.69 6.79 35.21
N LYS B 91 30.08 6.78 34.03
CA LYS B 91 30.82 6.92 32.79
C LYS B 91 30.17 8.00 31.93
N GLN B 92 31.01 8.79 31.28
CA GLN B 92 30.52 9.81 30.36
C GLN B 92 30.03 9.16 29.06
N LEU B 93 29.10 9.84 28.40
CA LEU B 93 28.80 9.51 27.02
C LEU B 93 30.09 9.69 26.24
N PRO B 94 30.24 8.99 25.10
CA PRO B 94 29.25 8.17 24.40
C PRO B 94 29.17 6.71 24.87
N SER B 95 29.87 6.34 25.94
CA SER B 95 29.65 5.01 26.52
C SER B 95 28.17 4.82 26.85
N HIS B 96 27.64 3.64 26.52
CA HIS B 96 26.22 3.39 26.74
C HIS B 96 25.96 1.90 26.55
N LYS B 97 24.75 1.47 26.92
CA LYS B 97 24.28 0.13 26.60
C LYS B 97 23.07 0.23 25.71
N ALA B 98 22.94 -0.72 24.80
CA ALA B 98 21.81 -0.81 23.89
C ALA B 98 20.94 -1.99 24.32
N ILE B 99 19.65 -1.75 24.48
CA ILE B 99 18.69 -2.73 24.99
C ILE B 99 17.51 -2.80 24.03
N LEU B 100 17.10 -4.03 23.68
CA LEU B 100 15.88 -4.28 22.91
CA LEU B 100 15.87 -4.24 22.93
C LEU B 100 14.80 -4.83 23.83
N PHE B 101 13.59 -4.29 23.71
CA PHE B 101 12.39 -4.83 24.35
C PHE B 101 11.51 -5.38 23.23
N VAL B 102 11.19 -6.67 23.29
CA VAL B 102 10.46 -7.34 22.22
C VAL B 102 9.27 -8.06 22.82
N PRO B 103 8.23 -8.34 22.04
CA PRO B 103 7.11 -9.11 22.56
C PRO B 103 7.55 -10.49 23.07
N ARG B 104 6.91 -10.93 24.15
CA ARG B 104 7.08 -12.32 24.59
C ARG B 104 6.57 -13.27 23.50
N ARG B 105 7.15 -14.46 23.44
CA ARG B 105 6.69 -15.47 22.50
C ARG B 105 5.26 -15.86 22.83
N ASP B 106 4.45 -16.10 21.81
CA ASP B 106 3.02 -16.38 22.01
C ASP B 106 2.58 -17.35 20.92
N PRO B 107 2.53 -18.65 21.21
CA PRO B 107 2.17 -19.63 20.16
C PRO B 107 0.81 -19.36 19.53
N SER B 108 -0.15 -18.85 20.30
CA SER B 108 -1.47 -18.62 19.73
C SER B 108 -1.47 -17.46 18.73
N ARG B 109 -0.49 -16.57 18.82
CA ARG B 109 -0.37 -15.53 17.81
C ARG B 109 0.60 -15.92 16.69
N GLU B 110 1.59 -16.76 16.99
CA GLU B 110 2.54 -17.18 15.96
C GLU B 110 1.88 -18.06 14.90
N LEU B 111 0.79 -18.75 15.26
CA LEU B 111 -0.02 -19.49 14.28
C LEU B 111 -0.45 -18.60 13.13
N TRP B 112 -0.77 -17.34 13.43
CA TRP B 112 -1.22 -16.37 12.44
C TRP B 112 -0.07 -15.60 11.82
N ASP B 113 0.84 -15.07 12.65
CA ASP B 113 1.84 -14.09 12.19
C ASP B 113 3.21 -14.71 11.92
N GLY B 114 3.44 -15.95 12.34
CA GLY B 114 4.71 -16.57 12.11
C GLY B 114 5.60 -16.41 13.31
N PRO B 115 6.72 -17.11 13.33
CA PRO B 115 7.59 -17.09 14.51
C PRO B 115 8.20 -15.71 14.72
N ARG B 116 8.43 -15.39 15.99
CA ARG B 116 9.09 -14.14 16.34
C ARG B 116 10.34 -14.46 17.15
N SER B 117 11.22 -13.48 17.26
CA SER B 117 12.49 -13.74 17.93
C SER B 117 12.32 -13.87 19.44
N GLY B 118 13.13 -14.71 20.03
CA GLY B 118 13.22 -14.66 21.48
C GLY B 118 13.93 -13.36 21.88
N THR B 119 13.98 -13.13 23.19
CA THR B 119 14.97 -12.16 23.65
C THR B 119 16.37 -12.63 23.30
N ASP B 120 16.66 -13.91 23.52
CA ASP B 120 17.99 -14.41 23.18
CA ASP B 120 17.98 -14.44 23.17
C ASP B 120 18.22 -14.38 21.67
N GLY B 121 17.17 -14.61 20.89
CA GLY B 121 17.29 -14.51 19.44
C GLY B 121 17.58 -13.09 18.99
N ALA B 122 16.88 -12.11 19.58
CA ALA B 122 17.11 -10.71 19.22
C ALA B 122 18.54 -10.30 19.52
N ILE B 123 19.07 -10.71 20.68
CA ILE B 123 20.46 -10.40 21.03
C ILE B 123 21.40 -11.06 20.03
N ALA B 124 21.17 -12.34 19.72
CA ALA B 124 22.08 -13.06 18.84
C ALA B 124 22.13 -12.42 17.46
N LEU B 125 20.97 -12.04 16.93
CA LEU B 125 20.91 -11.43 15.60
C LEU B 125 21.56 -10.06 15.60
N THR B 126 21.20 -9.20 16.55
CA THR B 126 21.53 -7.78 16.42
C THR B 126 22.85 -7.40 17.06
N GLY B 127 23.26 -8.11 18.11
CA GLY B 127 24.45 -7.69 18.82
C GLY B 127 24.24 -6.59 19.84
N VAL B 128 22.98 -6.22 20.13
CA VAL B 128 22.75 -5.30 21.25
C VAL B 128 23.19 -5.97 22.56
N ASP B 129 23.26 -5.17 23.62
CA ASP B 129 23.85 -5.66 24.88
C ASP B 129 22.89 -6.54 25.67
N GLU B 130 21.60 -6.21 25.66
CA GLU B 130 20.61 -6.84 26.50
C GLU B 130 19.30 -6.86 25.74
N ALA B 131 18.41 -7.79 26.10
CA ALA B 131 17.05 -7.76 25.59
C ALA B 131 16.10 -8.34 26.63
N TYR B 132 14.88 -7.81 26.64
CA TYR B 132 13.85 -8.19 27.60
C TYR B 132 12.52 -8.18 26.87
N THR B 133 11.49 -8.72 27.52
CA THR B 133 10.16 -8.61 26.92
C THR B 133 9.57 -7.23 27.21
N LEU B 134 8.54 -6.88 26.45
CA LEU B 134 7.92 -5.56 26.59
C LEU B 134 7.47 -5.29 28.02
N GLU B 135 6.96 -6.32 28.70
CA GLU B 135 6.44 -6.10 30.04
C GLU B 135 7.52 -5.64 31.01
N GLU B 136 8.79 -5.83 30.67
CA GLU B 136 9.85 -5.42 31.56
C GLU B 136 10.31 -3.99 31.30
N PHE B 137 9.80 -3.35 30.24
CA PHE B 137 10.12 -1.95 29.98
C PHE B 137 9.72 -1.07 31.16
N GLN B 138 8.63 -1.42 31.85
CA GLN B 138 8.14 -0.60 32.97
C GLN B 138 9.21 -0.39 34.04
N HIS B 139 10.15 -1.33 34.20
CA HIS B 139 11.17 -1.19 35.22
C HIS B 139 12.15 -0.05 34.93
N LEU B 140 12.23 0.43 33.68
CA LEU B 140 13.07 1.57 33.35
C LEU B 140 12.43 2.91 33.69
N LEU B 141 11.11 2.95 33.78
CA LEU B 141 10.34 4.20 33.80
C LEU B 141 10.54 5.00 35.07
N PRO B 142 10.64 4.40 36.27
CA PRO B 142 10.94 5.22 37.46
C PRO B 142 12.19 6.07 37.31
N LYS B 143 13.30 5.48 36.86
CA LYS B 143 14.52 6.26 36.71
C LYS B 143 14.39 7.30 35.60
N MET B 144 13.71 6.93 34.51
CA MET B 144 13.52 7.88 33.42
C MET B 144 12.66 9.06 33.85
N LYS B 145 11.73 8.84 34.80
CA LYS B 145 10.87 9.92 35.25
C LYS B 145 11.60 10.96 36.08
N ALA B 146 12.71 10.61 36.71
CA ALA B 146 13.44 11.56 37.56
C ALA B 146 13.85 12.80 36.78
N GLU B 147 13.79 13.95 37.45
CA GLU B 147 14.23 15.20 36.85
C GLU B 147 15.70 15.17 36.46
N THR B 148 16.48 14.25 37.03
CA THR B 148 17.89 14.10 36.71
C THR B 148 18.15 13.27 35.44
N ASN B 149 17.12 12.69 34.84
CA ASN B 149 17.28 11.81 33.69
C ASN B 149 16.81 12.54 32.45
N MET B 150 17.72 12.74 31.49
CA MET B 150 17.37 13.36 30.22
C MET B 150 16.89 12.27 29.27
N VAL B 151 15.68 12.43 28.74
CA VAL B 151 15.07 11.43 27.84
C VAL B 151 14.93 12.02 26.45
N TRP B 152 15.43 11.27 25.46
CA TRP B 152 15.34 11.62 24.05
C TRP B 152 14.38 10.65 23.38
N TYR B 153 13.30 11.19 22.81
CA TYR B 153 12.21 10.37 22.31
C TYR B 153 11.34 11.23 21.41
N ASP B 154 10.91 10.66 20.29
CA ASP B 154 10.06 11.38 19.33
C ASP B 154 8.59 11.16 19.69
N TRP B 155 8.04 12.11 20.47
CA TRP B 155 6.69 11.99 20.99
C TRP B 155 5.65 12.70 20.12
N MET B 156 6.08 13.62 19.24
CA MET B 156 5.14 14.45 18.50
C MET B 156 4.32 13.64 17.51
N ARG B 157 4.96 12.72 16.79
CA ARG B 157 4.26 11.85 15.86
C ARG B 157 4.78 10.43 16.05
N PRO B 158 4.29 9.71 17.06
CA PRO B 158 4.89 8.43 17.41
C PRO B 158 4.79 7.43 16.26
N SER B 159 5.85 6.63 16.10
CA SER B 159 5.81 5.65 15.03
CA SER B 159 5.86 5.61 15.06
C SER B 159 4.87 4.49 15.36
N HIS B 160 4.58 4.27 16.64
CA HIS B 160 3.76 3.13 17.05
C HIS B 160 2.75 3.67 18.05
N ALA B 161 1.49 3.87 17.62
CA ALA B 161 0.52 4.56 18.48
C ALA B 161 0.27 3.82 19.78
N GLN B 162 0.19 2.49 19.73
CA GLN B 162 -0.13 1.73 20.94
C GLN B 162 1.05 1.64 21.89
N LEU B 163 2.26 1.40 21.37
CA LEU B 163 3.43 1.43 22.24
C LEU B 163 3.59 2.79 22.90
N HIS B 164 3.34 3.87 22.14
CA HIS B 164 3.42 5.19 22.73
C HIS B 164 2.40 5.34 23.86
N SER B 165 1.14 4.98 23.58
CA SER B 165 0.08 5.13 24.57
CA SER B 165 0.08 5.12 24.57
C SER B 165 0.40 4.33 25.83
N ASP B 166 0.82 3.08 25.66
CA ASP B 166 0.99 2.20 26.81
C ASP B 166 2.29 2.46 27.58
N TYR B 167 3.37 2.82 26.90
CA TYR B 167 4.69 2.82 27.54
C TYR B 167 5.37 4.17 27.65
N MET B 168 5.05 5.14 26.80
CA MET B 168 5.81 6.39 26.79
C MET B 168 4.97 7.66 26.95
N GLN B 169 3.67 7.63 26.69
CA GLN B 169 2.89 8.86 26.82
C GLN B 169 2.79 9.33 28.28
N PRO B 170 2.54 8.45 29.26
CA PRO B 170 2.54 8.93 30.66
C PRO B 170 3.87 9.51 31.07
N LEU B 171 4.96 8.87 30.68
CA LEU B 171 6.30 9.37 31.01
C LEU B 171 6.50 10.76 30.41
N THR B 172 6.12 10.93 29.14
CA THR B 172 6.29 12.22 28.46
C THR B 172 5.47 13.31 29.14
N GLU B 173 4.22 13.01 29.48
CA GLU B 173 3.39 14.01 30.12
C GLU B 173 3.91 14.34 31.52
N ALA B 174 4.40 13.35 32.24
CA ALA B 174 4.96 13.61 33.56
C ALA B 174 6.18 14.51 33.48
N LYS B 175 7.06 14.27 32.51
CA LYS B 175 8.26 15.10 32.39
C LYS B 175 7.96 16.48 31.81
N ALA B 176 6.84 16.64 31.10
CA ALA B 176 6.55 17.93 30.46
C ALA B 176 6.28 19.02 31.48
N LYS B 177 5.84 18.65 32.69
CA LYS B 177 5.60 19.62 33.74
C LYS B 177 6.80 19.74 34.66
N SER B 178 7.98 19.40 34.17
CA SER B 178 9.21 19.40 34.94
C SER B 178 10.22 20.34 34.31
N LYS B 179 11.40 20.41 34.94
CA LYS B 179 12.51 21.19 34.44
C LYS B 179 13.32 20.42 33.40
N ASN B 180 12.90 19.21 33.04
CA ASN B 180 13.65 18.37 32.11
C ASN B 180 12.63 17.65 31.20
N LYS B 181 12.17 18.35 30.17
CA LYS B 181 11.18 17.80 29.26
C LYS B 181 11.83 16.82 28.29
N VAL B 182 11.03 15.89 27.78
CA VAL B 182 11.49 14.98 26.74
C VAL B 182 11.92 15.79 25.52
N ARG B 183 13.03 15.39 24.90
CA ARG B 183 13.58 16.08 23.73
C ARG B 183 13.51 15.17 22.52
N GLY B 184 13.14 15.74 21.38
CA GLY B 184 13.11 14.97 20.15
C GLY B 184 14.51 14.51 19.75
N VAL B 185 14.56 13.39 19.05
CA VAL B 185 15.85 12.80 18.66
C VAL B 185 15.95 12.47 17.18
N GLN B 186 14.85 12.37 16.44
CA GLN B 186 14.94 11.96 15.04
C GLN B 186 15.78 12.92 14.20
N GLN B 187 15.86 14.19 14.58
CA GLN B 187 16.69 15.13 13.81
C GLN B 187 18.18 14.83 13.97
N LEU B 188 18.58 14.27 15.11
CA LEU B 188 19.96 13.82 15.28
C LEU B 188 20.22 12.55 14.47
N ILE B 189 19.25 11.63 14.44
CA ILE B 189 19.41 10.45 13.59
C ILE B 189 19.52 10.85 12.12
N GLN B 190 18.77 11.87 11.69
CA GLN B 190 18.90 12.34 10.32
C GLN B 190 20.33 12.79 10.00
N ARG B 191 20.99 13.44 10.96
CA ARG B 191 22.35 13.93 10.71
C ARG B 191 23.28 12.76 10.41
N LEU B 192 23.06 11.61 11.06
CA LEU B 192 23.86 10.44 10.77
C LEU B 192 23.51 9.83 9.43
N ARG B 193 22.18 9.64 9.16
CA ARG B 193 21.73 9.03 7.92
C ARG B 193 22.12 9.83 6.69
N LEU B 194 22.41 11.11 6.89
CA LEU B 194 22.84 11.99 5.80
C LEU B 194 24.17 11.54 5.17
N ILE B 195 25.09 10.93 5.93
CA ILE B 195 26.40 10.54 5.43
C ILE B 195 26.47 9.02 5.38
N LYS B 196 26.53 8.47 4.17
CA LYS B 196 26.51 7.01 3.99
C LYS B 196 27.91 6.42 4.16
N SER B 197 27.97 5.26 4.79
CA SER B 197 29.18 4.46 4.88
C SER B 197 29.43 3.75 3.55
N PRO B 198 30.62 3.17 3.36
CA PRO B 198 30.86 2.39 2.14
C PRO B 198 29.88 1.25 1.97
N ALA B 199 29.51 0.59 3.07
CA ALA B 199 28.56 -0.53 2.97
C ALA B 199 27.19 -0.02 2.53
N GLU B 200 26.77 1.15 3.04
CA GLU B 200 25.48 1.70 2.59
C GLU B 200 25.53 2.08 1.11
N ILE B 201 26.64 2.65 0.67
CA ILE B 201 26.77 3.00 -0.75
C ILE B 201 26.66 1.76 -1.62
N GLU B 202 27.28 0.65 -1.17
CA GLU B 202 27.18 -0.59 -1.93
C GLU B 202 25.74 -1.08 -2.00
N ARG B 203 24.97 -0.97 -0.90
CA ARG B 203 23.55 -1.33 -0.96
C ARG B 203 22.80 -0.47 -1.97
N MET B 204 23.07 0.83 -1.97
CA MET B 204 22.40 1.73 -2.91
C MET B 204 22.83 1.44 -4.34
N GLN B 205 24.09 1.04 -4.55
CA GLN B 205 24.55 0.67 -5.88
C GLN B 205 23.81 -0.56 -6.40
N ILE B 206 23.61 -1.57 -5.55
CA ILE B 206 22.88 -2.77 -5.95
C ILE B 206 21.46 -2.41 -6.37
N ALA B 207 20.79 -1.57 -5.57
CA ALA B 207 19.44 -1.16 -5.93
C ALA B 207 19.42 -0.39 -7.25
N GLY B 208 20.41 0.48 -7.47
CA GLY B 208 20.43 1.23 -8.71
C GLY B 208 20.67 0.37 -9.94
N LYS B 209 21.51 -0.65 -9.80
CA LYS B 209 21.77 -1.53 -10.94
C LYS B 209 20.55 -2.38 -11.27
N LEU B 210 19.89 -2.90 -10.24
CA LEU B 210 18.68 -3.68 -10.42
C LEU B 210 17.59 -2.84 -11.09
N THR B 211 17.38 -1.62 -10.61
CA THR B 211 16.35 -0.76 -11.18
C THR B 211 16.69 -0.43 -12.62
N SER B 212 17.97 -0.18 -12.91
CA SER B 212 18.40 0.12 -14.28
C SER B 212 18.02 -1.02 -15.22
N GLN B 213 18.24 -2.26 -14.78
CA GLN B 213 17.84 -3.41 -15.61
C GLN B 213 16.33 -3.46 -15.79
N ALA B 214 15.56 -3.12 -14.76
CA ALA B 214 14.12 -3.10 -14.92
C ALA B 214 13.69 -2.05 -15.95
N PHE B 215 14.33 -0.89 -15.95
CA PHE B 215 14.03 0.10 -16.98
C PHE B 215 14.37 -0.43 -18.38
N ILE B 216 15.56 -1.02 -18.53
CA ILE B 216 15.99 -1.53 -19.83
C ILE B 216 14.98 -2.52 -20.39
N GLU B 217 14.54 -3.47 -19.56
CA GLU B 217 13.56 -4.47 -20.03
C GLU B 217 12.21 -3.83 -20.35
N THR B 218 11.81 -2.80 -19.59
CA THR B 218 10.55 -2.12 -19.86
C THR B 218 10.63 -1.31 -21.15
N MET B 219 11.77 -0.66 -21.41
CA MET B 219 11.96 -0.01 -22.71
C MET B 219 11.93 -1.04 -23.83
N PHE B 220 12.60 -2.17 -23.63
CA PHE B 220 12.72 -3.19 -24.65
C PHE B 220 11.34 -3.70 -25.06
N THR B 221 10.43 -3.83 -24.11
CA THR B 221 9.11 -4.37 -24.47
C THR B 221 8.11 -3.27 -24.76
N SER B 222 8.55 -2.01 -24.77
CA SER B 222 7.71 -0.90 -25.20
C SER B 222 7.25 -1.13 -26.63
N LYS B 223 6.01 -0.76 -26.90
CA LYS B 223 5.42 -0.82 -28.22
C LYS B 223 4.43 0.33 -28.29
N ALA B 224 3.92 0.60 -29.49
CA ALA B 224 2.89 1.61 -29.61
C ALA B 224 1.71 1.03 -30.35
N PRO B 225 0.50 1.23 -29.83
CA PRO B 225 0.23 1.89 -28.56
C PRO B 225 0.50 0.95 -27.38
N VAL B 226 0.56 1.47 -26.17
CA VAL B 226 0.79 0.60 -25.00
C VAL B 226 0.07 1.21 -23.81
N GLU B 227 -0.50 0.35 -22.97
CA GLU B 227 -1.17 0.82 -21.78
C GLU B 227 -0.16 1.24 -20.71
N GLU B 228 -0.41 2.37 -20.06
CA GLU B 228 0.37 2.72 -18.86
C GLU B 228 0.36 1.58 -17.84
N ALA B 229 -0.81 0.94 -17.64
CA ALA B 229 -0.91 -0.13 -16.66
C ALA B 229 -0.01 -1.31 -17.03
N PHE B 230 0.21 -1.53 -18.33
CA PHE B 230 1.10 -2.61 -18.73
C PHE B 230 2.56 -2.28 -18.44
N LEU B 231 2.99 -1.05 -18.76
CA LEU B 231 4.36 -0.67 -18.44
C LEU B 231 4.61 -0.67 -16.94
N TYR B 232 3.64 -0.20 -16.15
CA TYR B 232 3.71 -0.33 -14.70
C TYR B 232 3.88 -1.79 -14.30
N ALA B 233 3.01 -2.67 -14.80
CA ALA B 233 3.09 -4.08 -14.44
C ALA B 233 4.44 -4.67 -14.80
N LYS B 234 4.93 -4.39 -16.02
CA LYS B 234 6.21 -4.92 -16.45
C LYS B 234 7.34 -4.40 -15.56
N PHE B 235 7.34 -3.08 -15.27
CA PHE B 235 8.41 -2.51 -14.46
C PHE B 235 8.45 -3.14 -13.08
N GLU B 236 7.28 -3.22 -12.44
CA GLU B 236 7.24 -3.80 -11.10
C GLU B 236 7.65 -5.27 -11.12
N PHE B 237 7.17 -6.03 -12.12
CA PHE B 237 7.59 -7.43 -12.24
C PHE B 237 9.10 -7.55 -12.32
N GLU B 238 9.74 -6.72 -13.15
CA GLU B 238 11.19 -6.83 -13.32
C GLU B 238 11.93 -6.49 -12.03
N CYS B 239 11.46 -5.48 -11.29
CA CYS B 239 12.12 -5.16 -10.01
C CYS B 239 12.02 -6.34 -9.04
N ARG B 240 10.82 -6.87 -8.87
CA ARG B 240 10.62 -7.94 -7.89
C ARG B 240 11.31 -9.23 -8.31
N ALA B 241 11.22 -9.59 -9.60
CA ALA B 241 11.88 -10.80 -10.07
C ALA B 241 13.38 -10.74 -9.89
N ARG B 242 13.95 -9.53 -9.87
CA ARG B 242 15.37 -9.32 -9.69
C ARG B 242 15.75 -9.14 -8.22
N GLY B 243 14.83 -9.39 -7.28
CA GLY B 243 15.15 -9.45 -5.88
C GLY B 243 14.81 -8.22 -5.07
N ALA B 244 14.32 -7.14 -5.71
CA ALA B 244 13.77 -6.03 -4.94
C ALA B 244 12.66 -6.50 -3.99
N ASP B 245 12.69 -5.96 -2.77
CA ASP B 245 11.70 -6.33 -1.77
C ASP B 245 10.33 -5.70 -2.04
N ILE B 246 10.31 -4.41 -2.42
CA ILE B 246 9.09 -3.64 -2.68
C ILE B 246 9.48 -2.54 -3.65
N LEU B 247 8.47 -1.93 -4.28
CA LEU B 247 8.73 -0.64 -4.92
C LEU B 247 8.92 0.43 -3.85
N ALA B 248 9.75 1.45 -4.15
CA ALA B 248 10.08 2.45 -3.13
C ALA B 248 9.04 3.56 -3.03
N TYR B 249 8.18 3.70 -4.03
CA TYR B 249 7.14 4.71 -4.08
C TYR B 249 6.17 4.30 -5.17
N PRO B 250 4.97 4.87 -5.18
CA PRO B 250 4.06 4.61 -6.31
C PRO B 250 4.66 5.15 -7.59
N PRO B 251 4.87 4.34 -8.62
CA PRO B 251 5.53 4.86 -9.82
C PRO B 251 4.67 5.85 -10.58
N VAL B 252 5.35 6.76 -11.26
CA VAL B 252 4.71 7.59 -12.28
C VAL B 252 4.86 6.85 -13.60
N VAL B 253 3.73 6.57 -14.29
CA VAL B 253 3.81 5.99 -15.63
C VAL B 253 2.85 6.82 -16.46
N ALA B 254 3.36 7.94 -16.98
CA ALA B 254 2.54 9.04 -17.51
C ALA B 254 2.86 9.25 -18.99
N GLY B 255 1.88 8.98 -19.85
CA GLY B 255 2.06 9.11 -21.28
C GLY B 255 1.54 10.41 -21.87
N GLY B 256 2.17 10.82 -22.98
CA GLY B 256 1.69 11.99 -23.71
C GLY B 256 1.57 13.21 -22.81
N ASN B 257 0.43 13.90 -22.90
CA ASN B 257 0.25 15.12 -22.11
C ASN B 257 0.14 14.84 -20.62
N ARG B 258 -0.14 13.59 -20.23
CA ARG B 258 -0.23 13.31 -18.82
C ARG B 258 1.14 13.38 -18.16
N SER B 259 2.21 13.31 -18.96
CA SER B 259 3.55 13.51 -18.40
C SER B 259 3.68 14.88 -17.73
N ASN B 260 2.81 15.84 -18.05
CA ASN B 260 2.88 17.17 -17.47
C ASN B 260 2.12 17.29 -16.16
N THR B 261 1.42 16.22 -15.74
CA THR B 261 0.78 16.15 -14.43
C THR B 261 1.81 15.58 -13.46
N LEU B 262 2.32 16.41 -12.55
CA LEU B 262 3.58 16.08 -11.88
C LEU B 262 3.44 14.96 -10.86
N HIS B 263 2.24 14.78 -10.26
CA HIS B 263 2.04 13.68 -9.32
C HIS B 263 1.11 12.62 -9.90
N TYR B 264 1.17 12.42 -11.21
CA TYR B 264 0.40 11.38 -11.87
C TYR B 264 0.78 9.98 -11.43
N VAL B 265 -0.12 9.25 -10.77
CA VAL B 265 0.16 7.89 -10.33
C VAL B 265 -0.95 6.92 -10.71
N LYS B 266 -2.01 7.37 -11.37
CA LYS B 266 -3.10 6.43 -11.64
C LYS B 266 -2.74 5.42 -12.73
N ASN B 267 -1.90 5.79 -13.69
CA ASN B 267 -1.23 4.84 -14.58
C ASN B 267 -2.21 3.89 -15.27
N ASN B 268 -3.25 4.48 -15.86
CA ASN B 268 -4.31 3.63 -16.38
C ASN B 268 -4.88 4.11 -17.72
N GLN B 269 -4.09 4.85 -18.49
CA GLN B 269 -4.51 5.32 -19.81
C GLN B 269 -3.60 4.78 -20.90
N LEU B 270 -4.13 4.80 -22.13
CA LEU B 270 -3.38 4.30 -23.28
C LEU B 270 -2.41 5.35 -23.78
N ILE B 271 -1.17 4.93 -24.06
CA ILE B 271 -0.16 5.80 -24.67
C ILE B 271 -0.16 5.52 -26.16
N LYS B 272 -0.38 6.56 -26.95
CA LYS B 272 -0.54 6.42 -28.40
C LYS B 272 0.80 6.41 -29.14
N ASP B 273 0.76 5.88 -30.35
CA ASP B 273 1.87 6.02 -31.27
C ASP B 273 2.22 7.50 -31.44
N GLY B 274 3.51 7.81 -31.27
CA GLY B 274 4.02 9.16 -31.36
C GLY B 274 4.07 9.89 -30.03
N GLU B 275 3.64 9.26 -28.94
CA GLU B 275 3.74 9.88 -27.62
C GLU B 275 4.92 9.26 -26.87
N MET B 276 5.45 10.03 -25.92
CA MET B 276 6.44 9.54 -24.99
C MET B 276 5.81 9.10 -23.69
N VAL B 277 6.50 8.23 -22.97
CA VAL B 277 6.16 7.89 -21.61
C VAL B 277 7.21 8.48 -20.67
N LEU B 278 6.75 9.08 -19.58
CA LEU B 278 7.62 9.50 -18.48
C LEU B 278 7.42 8.46 -17.39
N LEU B 279 8.47 7.70 -17.09
CA LEU B 279 8.35 6.60 -16.13
C LEU B 279 9.33 6.92 -14.99
N ASP B 280 8.77 7.24 -13.82
CA ASP B 280 9.55 7.47 -12.61
C ASP B 280 9.31 6.27 -11.72
N GLY B 281 10.36 5.46 -11.49
CA GLY B 281 10.19 4.22 -10.74
C GLY B 281 11.46 3.88 -9.98
N GLY B 282 11.29 3.30 -8.79
CA GLY B 282 12.41 2.96 -7.94
C GLY B 282 11.99 1.82 -7.03
N CYS B 283 12.98 1.15 -6.45
CA CYS B 283 12.65 0.04 -5.57
C CYS B 283 13.52 0.09 -4.34
N GLU B 284 13.16 -0.75 -3.38
CA GLU B 284 13.92 -0.92 -2.15
C GLU B 284 14.55 -2.30 -2.17
N SER B 285 15.86 -2.35 -1.90
CA SER B 285 16.52 -3.65 -1.81
C SER B 285 17.47 -3.60 -0.63
N SER B 286 17.34 -4.57 0.28
CA SER B 286 18.17 -4.64 1.49
C SER B 286 18.19 -3.30 2.23
N CYS B 287 17.01 -2.67 2.31
CA CYS B 287 16.64 -1.52 3.15
C CYS B 287 16.98 -0.17 2.51
N TYR B 288 17.53 -0.12 1.29
CA TYR B 288 17.90 1.13 0.63
C TYR B 288 17.19 1.26 -0.71
N VAL B 289 16.97 2.50 -1.17
CA VAL B 289 16.11 2.70 -2.33
C VAL B 289 16.85 3.31 -3.51
N SER B 290 16.22 3.23 -4.69
CA SER B 290 16.57 3.97 -5.89
C SER B 290 15.39 4.89 -6.24
N ASP B 291 15.64 5.86 -7.13
CA ASP B 291 14.63 6.84 -7.51
C ASP B 291 15.09 7.37 -8.88
N ILE B 292 14.52 6.79 -9.93
CA ILE B 292 15.02 7.01 -11.30
C ILE B 292 13.86 7.44 -12.19
N THR B 293 14.08 8.43 -13.07
CA THR B 293 13.11 8.78 -14.09
C THR B 293 13.75 8.70 -15.46
N ARG B 294 13.07 8.06 -16.42
CA ARG B 294 13.42 8.12 -17.83
C ARG B 294 12.18 8.46 -18.64
N THR B 295 12.39 9.19 -19.73
CA THR B 295 11.36 9.54 -20.71
C THR B 295 11.75 8.95 -22.05
N TRP B 296 10.82 8.28 -22.73
CA TRP B 296 11.19 7.75 -24.04
C TRP B 296 9.94 7.63 -24.92
N PRO B 297 10.13 7.64 -26.24
CA PRO B 297 9.00 7.43 -27.18
C PRO B 297 8.58 5.96 -27.20
N VAL B 298 7.28 5.70 -27.04
CA VAL B 298 6.87 4.31 -26.93
C VAL B 298 7.00 3.58 -28.27
N ASN B 299 7.00 4.30 -29.39
CA ASN B 299 7.26 3.68 -30.69
C ASN B 299 8.74 3.60 -31.01
N GLY B 300 9.61 3.99 -30.08
CA GLY B 300 11.02 3.75 -30.26
C GLY B 300 11.82 4.83 -30.98
N ARG B 301 11.18 5.87 -31.50
CA ARG B 301 11.87 6.90 -32.27
C ARG B 301 11.41 8.27 -31.83
N PHE B 302 12.34 9.11 -31.34
CA PHE B 302 11.98 10.48 -31.00
C PHE B 302 11.59 11.24 -32.26
N THR B 303 10.51 12.02 -32.18
CA THR B 303 10.25 13.01 -33.22
C THR B 303 11.23 14.17 -33.09
N ALA B 304 11.27 15.02 -34.11
CA ALA B 304 12.17 16.17 -34.06
C ALA B 304 11.90 17.07 -32.85
N PRO B 305 10.67 17.50 -32.56
CA PRO B 305 10.48 18.31 -31.34
C PRO B 305 10.73 17.53 -30.07
N GLN B 306 10.35 16.25 -30.04
CA GLN B 306 10.66 15.46 -28.84
C GLN B 306 12.16 15.39 -28.62
N ALA B 307 12.93 15.19 -29.70
CA ALA B 307 14.38 15.14 -29.57
C ALA B 307 14.95 16.49 -29.14
N GLU B 308 14.41 17.60 -29.65
CA GLU B 308 14.89 18.92 -29.22
C GLU B 308 14.68 19.10 -27.73
N LEU B 309 13.46 18.80 -27.26
CA LEU B 309 13.15 18.98 -25.84
C LEU B 309 13.96 18.03 -24.98
N TYR B 310 14.02 16.75 -25.37
CA TYR B 310 14.74 15.76 -24.57
C TYR B 310 16.22 16.13 -24.44
N GLU B 311 16.87 16.48 -25.55
CA GLU B 311 18.29 16.80 -25.48
C GLU B 311 18.51 18.03 -24.60
N ALA B 312 17.58 19.00 -24.63
CA ALA B 312 17.65 20.15 -23.73
C ALA B 312 17.68 19.71 -22.27
N VAL B 313 16.77 18.82 -21.87
CA VAL B 313 16.75 18.36 -20.48
C VAL B 313 18.01 17.55 -20.17
N LEU B 314 18.46 16.72 -21.10
CA LEU B 314 19.66 15.92 -20.85
C LEU B 314 20.88 16.82 -20.64
N GLU B 315 21.00 17.90 -21.41
CA GLU B 315 22.13 18.82 -21.22
C GLU B 315 22.04 19.53 -19.88
N ILE B 316 20.83 19.95 -19.48
CA ILE B 316 20.66 20.54 -18.15
C ILE B 316 21.08 19.54 -17.07
N GLN B 317 20.63 18.30 -17.20
CA GLN B 317 20.94 17.31 -16.18
C GLN B 317 22.44 17.04 -16.12
N ARG B 318 23.09 16.95 -17.29
CA ARG B 318 24.53 16.76 -17.33
C ARG B 318 25.27 17.85 -16.56
N ASP B 319 24.88 19.11 -16.80
CA ASP B 319 25.55 20.21 -16.13
C ASP B 319 25.31 20.18 -14.62
N CYS B 320 24.09 19.81 -14.20
CA CYS B 320 23.78 19.76 -12.77
C CYS B 320 24.46 18.58 -12.07
N LEU B 321 24.57 17.44 -12.76
CA LEU B 321 25.32 16.31 -12.21
C LEU B 321 26.78 16.67 -11.98
N ALA B 322 27.36 17.47 -12.89
CA ALA B 322 28.76 17.87 -12.73
C ALA B 322 28.98 18.79 -11.52
N LEU B 323 27.91 19.34 -10.95
CA LEU B 323 28.00 20.18 -9.76
C LEU B 323 27.92 19.39 -8.47
N CYS B 324 27.82 18.07 -8.54
CA CYS B 324 27.62 17.28 -7.32
C CYS B 324 28.96 16.93 -6.73
N PHE B 325 29.67 17.96 -6.24
CA PHE B 325 30.97 17.79 -5.60
C PHE B 325 30.97 18.54 -4.29
N PRO B 326 31.91 18.23 -3.38
CA PRO B 326 31.83 18.80 -2.04
C PRO B 326 31.90 20.32 -2.08
N GLY B 327 31.03 20.95 -1.30
CA GLY B 327 30.99 22.39 -1.21
C GLY B 327 29.76 23.04 -1.83
N THR B 328 29.26 22.48 -2.92
CA THR B 328 28.03 23.01 -3.49
C THR B 328 26.86 22.47 -2.67
N SER B 329 25.72 23.14 -2.77
CA SER B 329 24.52 22.68 -2.08
C SER B 329 23.42 22.37 -3.08
N LEU B 330 22.41 21.60 -2.62
CA LEU B 330 21.24 21.40 -3.48
C LEU B 330 20.63 22.73 -3.89
N GLU B 331 20.61 23.70 -2.97
CA GLU B 331 20.08 25.02 -3.31
C GLU B 331 20.89 25.67 -4.43
N ASN B 332 22.22 25.57 -4.40
CA ASN B 332 23.05 26.12 -5.48
C ASN B 332 22.74 25.44 -6.79
N ILE B 333 22.56 24.11 -6.75
CA ILE B 333 22.30 23.35 -7.96
C ILE B 333 20.92 23.70 -8.51
N TYR B 334 19.95 23.98 -7.64
CA TYR B 334 18.60 24.39 -8.08
C TYR B 334 18.68 25.75 -8.78
N SER B 335 19.43 26.68 -8.20
CA SER B 335 19.68 27.97 -8.86
CA SER B 335 19.65 27.95 -8.87
C SER B 335 20.26 27.75 -10.24
N MET B 336 21.27 26.89 -10.35
CA MET B 336 21.83 26.61 -11.68
C MET B 336 20.78 26.00 -12.60
N MET B 337 20.00 25.05 -12.11
CA MET B 337 18.98 24.43 -12.95
C MET B 337 18.05 25.48 -13.54
N LEU B 338 17.54 26.40 -12.70
CA LEU B 338 16.60 27.39 -13.21
C LEU B 338 17.27 28.31 -14.23
N THR B 339 18.56 28.62 -14.01
CA THR B 339 19.30 29.43 -14.97
C THR B 339 19.44 28.71 -16.31
N LEU B 340 19.79 27.42 -16.25
CA LEU B 340 19.97 26.64 -17.47
C LEU B 340 18.65 26.40 -18.18
N ILE B 341 17.57 26.16 -17.43
CA ILE B 341 16.25 26.03 -18.06
C ILE B 341 15.90 27.29 -18.82
N GLY B 342 16.14 28.47 -18.22
CA GLY B 342 15.89 29.72 -18.95
C GLY B 342 16.65 29.80 -20.25
N GLN B 343 17.91 29.39 -20.25
CA GLN B 343 18.68 29.39 -21.50
C GLN B 343 18.03 28.47 -22.54
N LYS B 344 17.65 27.26 -22.13
CA LYS B 344 17.05 26.30 -23.07
C LYS B 344 15.69 26.78 -23.56
N LEU B 345 14.87 27.37 -22.69
CA LEU B 345 13.58 27.90 -23.15
C LEU B 345 13.77 28.94 -24.25
N LYS B 346 14.79 29.79 -24.11
CA LYS B 346 15.12 30.76 -25.16
C LYS B 346 15.53 30.05 -26.44
N ASP B 347 16.48 29.10 -26.32
CA ASP B 347 16.96 28.37 -27.49
C ASP B 347 15.82 27.63 -28.20
N LEU B 348 14.88 27.07 -27.43
CA LEU B 348 13.79 26.33 -28.04
C LEU B 348 12.69 27.21 -28.61
N GLY B 349 12.73 28.51 -28.35
CA GLY B 349 11.67 29.39 -28.80
C GLY B 349 10.45 29.40 -27.91
N ILE B 350 10.55 28.81 -26.72
CA ILE B 350 9.43 28.84 -25.77
C ILE B 350 9.37 30.19 -25.07
N MET B 351 10.53 30.70 -24.68
CA MET B 351 10.66 32.01 -24.05
C MET B 351 11.11 32.98 -25.14
N LYS B 352 10.28 33.97 -25.43
CA LYS B 352 10.56 34.89 -26.54
C LYS B 352 11.36 36.10 -26.12
N ASN B 353 11.25 36.51 -24.86
CA ASN B 353 11.93 37.71 -24.36
C ASN B 353 12.74 37.30 -23.14
N ILE B 354 14.00 37.74 -23.08
CA ILE B 354 14.92 37.28 -22.04
C ILE B 354 14.43 37.66 -20.64
N LYS B 355 13.75 38.80 -20.51
CA LYS B 355 13.27 39.27 -19.21
C LYS B 355 12.25 38.31 -18.59
N GLU B 356 11.74 37.34 -19.35
CA GLU B 356 10.75 36.41 -18.81
C GLU B 356 11.32 35.52 -17.71
N ASN B 357 12.64 35.38 -17.63
CA ASN B 357 13.22 34.63 -16.52
C ASN B 357 13.68 35.53 -15.38
N ASN B 358 13.18 36.77 -15.33
CA ASN B 358 13.32 37.59 -14.13
C ASN B 358 12.70 36.87 -12.95
N ALA B 359 13.43 36.84 -11.83
CA ALA B 359 13.02 36.07 -10.65
C ALA B 359 12.73 34.61 -11.00
N PHE B 360 13.35 34.13 -12.09
CA PHE B 360 13.21 32.74 -12.52
C PHE B 360 11.76 32.40 -12.87
N LYS B 361 10.96 33.40 -13.26
CA LYS B 361 9.53 33.18 -13.43
C LYS B 361 9.25 32.14 -14.51
N ALA B 362 9.86 32.32 -15.69
CA ALA B 362 9.64 31.37 -16.78
C ALA B 362 10.14 29.99 -16.41
N ALA B 363 11.34 29.91 -15.83
CA ALA B 363 11.91 28.60 -15.54
C ALA B 363 11.05 27.83 -14.54
N ARG B 364 10.52 28.52 -13.52
N ARG B 364 10.52 28.52 -13.52
CA ARG B 364 9.65 27.88 -12.53
CA ARG B 364 9.67 27.84 -12.54
C ARG B 364 8.30 27.50 -13.12
C ARG B 364 8.31 27.49 -13.13
N LYS B 365 7.84 28.25 -14.12
CA LYS B 365 6.62 27.87 -14.81
C LYS B 365 6.80 26.53 -15.53
N TYR B 366 7.96 26.33 -16.14
CA TYR B 366 8.19 25.16 -16.96
C TYR B 366 8.85 24.01 -16.20
N CYS B 367 9.38 24.26 -15.00
CA CYS B 367 9.80 23.19 -14.09
C CYS B 367 9.38 23.58 -12.69
N PRO B 368 8.17 23.21 -12.27
CA PRO B 368 7.64 23.69 -10.99
C PRO B 368 8.18 22.98 -9.77
N HIS B 369 9.10 22.04 -9.92
CA HIS B 369 9.62 21.27 -8.79
C HIS B 369 11.11 21.49 -8.58
N HIS B 370 11.64 20.94 -7.47
CA HIS B 370 13.05 21.16 -7.14
C HIS B 370 13.94 20.28 -8.01
N VAL B 371 15.26 20.57 -7.97
CA VAL B 371 16.21 19.77 -8.74
C VAL B 371 16.48 18.42 -8.10
N GLY B 372 16.30 18.29 -6.79
CA GLY B 372 16.62 17.00 -6.17
C GLY B 372 16.48 17.04 -4.67
N HIS B 373 16.86 15.92 -4.04
CA HIS B 373 16.65 15.72 -2.62
C HIS B 373 17.65 14.69 -2.16
N TYR B 374 17.82 14.57 -0.84
CA TYR B 374 18.62 13.51 -0.28
C TYR B 374 17.92 12.17 -0.47
N LEU B 375 18.72 11.08 -0.53
CA LEU B 375 18.23 9.75 -0.88
C LEU B 375 18.90 8.75 0.04
N GLY B 376 18.19 7.72 0.48
CA GLY B 376 18.85 6.74 1.38
C GLY B 376 17.97 5.54 1.67
N MET B 377 17.62 5.35 2.95
CA MET B 377 16.62 4.34 3.30
C MET B 377 15.24 4.80 2.89
N ASP B 378 15.05 6.12 2.76
CA ASP B 378 13.82 6.72 2.28
C ASP B 378 14.07 7.46 0.95
N VAL B 379 12.96 7.65 0.21
CA VAL B 379 13.00 8.35 -1.08
C VAL B 379 13.30 9.82 -0.86
N HIS B 380 12.49 10.50 -0.01
CA HIS B 380 12.84 11.84 0.47
C HIS B 380 13.53 11.66 1.81
N ASP B 381 14.82 11.33 1.70
CA ASP B 381 15.63 10.98 2.86
C ASP B 381 15.89 12.22 3.70
N THR B 382 16.03 12.02 5.00
CA THR B 382 16.37 13.06 5.97
C THR B 382 15.77 14.42 5.58
N PRO B 383 14.45 14.52 5.62
CA PRO B 383 13.80 15.69 5.02
C PRO B 383 13.94 16.98 5.82
N ASP B 384 14.44 16.93 7.06
CA ASP B 384 14.68 18.16 7.81
C ASP B 384 16.11 18.66 7.67
N MET B 385 16.96 17.97 6.92
CA MET B 385 18.29 18.48 6.68
C MET B 385 18.23 19.55 5.58
N PRO B 386 18.82 20.72 5.80
CA PRO B 386 18.62 21.81 4.82
C PRO B 386 19.19 21.48 3.46
N ARG B 387 18.51 21.96 2.43
CA ARG B 387 19.07 21.83 1.09
C ARG B 387 20.14 22.88 0.85
N SER B 388 20.37 23.79 1.79
CA SER B 388 21.46 24.76 1.73
C SER B 388 22.76 24.22 2.32
N LEU B 389 22.73 23.00 2.85
CA LEU B 389 23.95 22.43 3.42
C LEU B 389 24.99 22.21 2.32
N PRO B 390 26.27 22.52 2.57
CA PRO B 390 27.29 22.13 1.58
C PRO B 390 27.41 20.61 1.49
N LEU B 391 27.44 20.11 0.26
CA LEU B 391 27.57 18.67 0.06
C LEU B 391 28.92 18.20 0.59
N GLN B 392 28.93 17.00 1.16
CA GLN B 392 30.11 16.34 1.70
C GLN B 392 30.18 14.93 1.14
N PRO B 393 31.39 14.34 1.08
CA PRO B 393 31.50 12.95 0.64
C PRO B 393 30.61 12.03 1.46
N GLY B 394 29.89 11.15 0.76
CA GLY B 394 28.98 10.22 1.42
C GLY B 394 27.52 10.64 1.39
N MET B 395 27.22 11.91 1.08
CA MET B 395 25.83 12.31 0.86
C MET B 395 25.37 11.72 -0.45
N VAL B 396 24.07 11.41 -0.53
CA VAL B 396 23.51 10.83 -1.73
C VAL B 396 22.28 11.66 -2.07
N ILE B 397 22.20 12.14 -3.32
CA ILE B 397 21.10 13.00 -3.76
C ILE B 397 20.57 12.51 -5.10
N THR B 398 19.39 13.01 -5.45
CA THR B 398 18.94 12.90 -6.82
C THR B 398 19.17 14.21 -7.57
N ILE B 399 19.23 14.10 -8.90
CA ILE B 399 19.24 15.23 -9.82
C ILE B 399 18.17 14.93 -10.86
N GLU B 400 17.09 15.72 -10.88
CA GLU B 400 15.90 15.33 -11.66
C GLU B 400 15.23 16.51 -12.33
N PRO B 401 15.97 17.26 -13.14
CA PRO B 401 15.35 18.36 -13.88
C PRO B 401 14.31 17.85 -14.86
N GLY B 402 13.31 18.69 -15.15
CA GLY B 402 12.37 18.39 -16.20
C GLY B 402 11.91 19.67 -16.83
N ILE B 403 11.26 19.56 -18.00
CA ILE B 403 10.57 20.67 -18.65
C ILE B 403 9.22 20.15 -19.10
N TYR B 404 8.16 20.90 -18.81
CA TYR B 404 6.78 20.42 -18.96
C TYR B 404 5.98 21.46 -19.74
N ILE B 405 5.41 21.06 -20.86
CA ILE B 405 4.68 21.99 -21.74
C ILE B 405 3.28 21.45 -21.94
N PRO B 406 2.31 21.90 -21.15
CA PRO B 406 0.93 21.40 -21.28
C PRO B 406 0.39 21.59 -22.68
N GLU B 407 -0.52 20.69 -23.08
CA GLU B 407 -1.08 20.79 -24.42
C GLU B 407 -1.84 22.09 -24.62
N ASP B 408 -2.36 22.69 -23.55
CA ASP B 408 -3.11 23.93 -23.66
C ASP B 408 -2.26 25.17 -23.40
N ASP B 409 -0.93 25.05 -23.47
CA ASP B 409 -0.03 26.18 -23.27
C ASP B 409 0.15 26.89 -24.60
N LYS B 410 -0.69 27.92 -24.84
CA LYS B 410 -0.63 28.66 -26.09
C LYS B 410 0.55 29.62 -26.15
N ASP B 411 1.30 29.79 -25.07
CA ASP B 411 2.51 30.61 -25.11
C ASP B 411 3.74 29.85 -25.57
N ALA B 412 3.64 28.51 -25.76
CA ALA B 412 4.71 27.71 -26.32
C ALA B 412 4.43 27.39 -27.79
N PRO B 413 5.50 27.15 -28.57
CA PRO B 413 5.31 26.67 -29.94
C PRO B 413 4.43 25.43 -30.00
N GLU B 414 3.58 25.38 -31.04
CA GLU B 414 2.62 24.29 -31.15
C GLU B 414 3.30 22.93 -31.11
N LYS B 415 4.50 22.83 -31.73
CA LYS B 415 5.18 21.54 -31.82
C LYS B 415 5.60 20.98 -30.45
N PHE B 416 5.64 21.81 -29.41
CA PHE B 416 6.03 21.33 -28.09
C PHE B 416 4.85 21.09 -27.16
N ARG B 417 3.65 21.53 -27.55
CA ARG B 417 2.52 21.44 -26.64
C ARG B 417 2.17 19.97 -26.44
N GLY B 418 1.98 19.60 -25.17
CA GLY B 418 1.68 18.23 -24.81
C GLY B 418 2.89 17.35 -24.57
N LEU B 419 4.08 17.92 -24.50
CA LEU B 419 5.29 17.16 -24.25
C LEU B 419 5.84 17.50 -22.87
N GLY B 420 6.23 16.47 -22.12
CA GLY B 420 6.93 16.67 -20.86
C GLY B 420 8.08 15.69 -20.74
N VAL B 421 9.22 16.14 -20.22
CA VAL B 421 10.41 15.30 -20.10
C VAL B 421 11.02 15.49 -18.72
N ARG B 422 11.29 14.39 -18.00
CA ARG B 422 12.16 14.46 -16.83
C ARG B 422 13.22 13.36 -16.93
N ILE B 423 14.46 13.67 -16.49
CA ILE B 423 15.54 12.68 -16.45
C ILE B 423 16.13 12.75 -15.05
N GLU B 424 16.08 11.63 -14.31
CA GLU B 424 16.44 11.62 -12.89
C GLU B 424 17.47 10.53 -12.63
N ASP B 425 18.59 10.91 -12.02
CA ASP B 425 19.60 9.95 -11.58
C ASP B 425 19.92 10.13 -10.10
N ASP B 426 20.54 9.10 -9.52
CA ASP B 426 20.88 9.04 -8.09
C ASP B 426 22.40 9.11 -7.99
N VAL B 427 22.91 9.96 -7.10
CA VAL B 427 24.31 10.39 -7.16
C VAL B 427 24.92 10.35 -5.77
N VAL B 428 26.11 9.73 -5.65
CA VAL B 428 26.90 9.78 -4.42
C VAL B 428 27.98 10.84 -4.57
N VAL B 429 28.03 11.78 -3.63
CA VAL B 429 29.13 12.74 -3.58
C VAL B 429 30.37 12.03 -3.05
N THR B 430 31.51 12.29 -3.70
CA THR B 430 32.78 11.67 -3.29
C THR B 430 33.78 12.80 -3.09
N GLN B 431 35.02 12.43 -2.76
CA GLN B 431 36.02 13.47 -2.61
C GLN B 431 36.31 14.16 -3.94
N ASP B 432 36.02 13.48 -5.06
CA ASP B 432 36.28 14.01 -6.39
C ASP B 432 35.02 13.98 -7.22
N SER B 433 34.97 13.02 -8.19
CA SER B 433 33.90 12.95 -9.17
C SER B 433 32.71 12.20 -8.59
N PRO B 434 31.49 12.62 -8.91
CA PRO B 434 30.33 11.95 -8.33
C PRO B 434 30.18 10.55 -8.88
N LEU B 435 29.64 9.66 -8.05
CA LEU B 435 29.36 8.29 -8.44
C LEU B 435 27.89 8.23 -8.79
N ILE B 436 27.58 7.93 -10.05
CA ILE B 436 26.18 7.88 -10.49
C ILE B 436 25.66 6.46 -10.30
N LEU B 437 24.82 6.27 -9.27
CA LEU B 437 24.33 4.93 -8.90
C LEU B 437 23.52 4.31 -10.01
N SER B 438 22.86 5.15 -10.80
CA SER B 438 21.95 4.75 -11.86
C SER B 438 22.62 4.81 -13.22
N ALA B 439 23.95 4.73 -13.26
CA ALA B 439 24.70 4.88 -14.51
C ALA B 439 24.32 3.85 -15.56
N ASP B 440 23.86 2.66 -15.14
CA ASP B 440 23.56 1.61 -16.11
C ASP B 440 22.26 1.87 -16.87
N CYS B 441 21.47 2.85 -16.45
CA CYS B 441 20.15 3.07 -17.00
C CYS B 441 20.26 4.02 -18.20
N PRO B 442 19.99 3.58 -19.44
CA PRO B 442 20.32 4.41 -20.60
C PRO B 442 19.53 5.71 -20.61
N LYS B 443 20.19 6.76 -21.09
CA LYS B 443 19.53 8.04 -21.25
C LYS B 443 19.95 8.81 -22.50
N GLU B 444 21.07 8.48 -23.14
CA GLU B 444 21.36 9.09 -24.43
C GLU B 444 20.30 8.62 -25.43
N MET B 445 19.89 9.52 -26.34
CA MET B 445 18.78 9.17 -27.23
C MET B 445 19.13 7.97 -28.12
N ASN B 446 20.37 7.91 -28.59
CA ASN B 446 20.78 6.78 -29.43
C ASN B 446 20.71 5.47 -28.67
N ASP B 447 21.10 5.47 -27.39
CA ASP B 447 21.03 4.24 -26.60
C ASP B 447 19.58 3.82 -26.38
N ILE B 448 18.71 4.80 -26.11
CA ILE B 448 17.29 4.49 -25.92
C ILE B 448 16.69 3.93 -27.20
N GLU B 449 16.96 4.58 -28.33
CA GLU B 449 16.38 4.10 -29.59
C GLU B 449 16.90 2.72 -29.95
N GLN B 450 18.15 2.41 -29.60
CA GLN B 450 18.69 1.08 -29.86
C GLN B 450 17.94 0.00 -29.08
N ILE B 451 17.59 0.28 -27.81
CA ILE B 451 16.92 -0.71 -26.97
C ILE B 451 15.49 -0.94 -27.47
N CYS B 452 14.80 0.13 -27.81
CA CYS B 452 13.45 0.01 -28.33
C CYS B 452 13.50 -0.57 -29.75
#